data_8W3U
#
_entry.id   8W3U
#
_cell.length_a   54.481
_cell.length_b   81.380
_cell.length_c   152.390
_cell.angle_alpha   90.00
_cell.angle_beta   90.00
_cell.angle_gamma   90.00
#
_symmetry.space_group_name_H-M   'P 2 2 21'
#
loop_
_entity.id
_entity.type
_entity.pdbx_description
1 polymer 'dTDP-glucose 4,6-dehydratase related protein'
2 polymer 'dTDP-glucose 4,6-dehydratase related protein'
3 non-polymer "URIDINE-5'-DIPHOSPHATE"
4 non-polymer NICOTINAMIDE-ADENINE-DINUCLEOTIDE
5 non-polymer 1,2-ETHANEDIOL
6 non-polymer 'MAGNESIUM ION'
7 non-polymer 'CHLORIDE ION'
8 water water
#
loop_
_entity_poly.entity_id
_entity_poly.type
_entity_poly.pdbx_seq_one_letter_code
_entity_poly.pdbx_strand_id
1 'polypeptide(L)'
;YPVAILLDALYWEHDKLEHHHHHHMETQRILVTGGAGFIGTNLVNELRNRGHEVLAVDLMHTEREDYMRADVREYRQVER
IFEEDKFDYVYHLAAEYGRWNGEDYYENLWKTNVIGTKHMLRMQEKLGFRMIFFSSAEVYGDYSGLMSEDVMVKNPISDT
YQMNDYAITKWAGELMCMNSAEMFGTETVRVRPVNCYGPHEKYSPYKGFIPIFIYHALHRKPYTVYKGHKRIIDYVEDSV
RTFANIVDNFIPGEVYNVGGRTEWEHDIKEYSDMVLEAVGIDDSIVTYRESEPFTTKVKTMDFSKAIRDLKHDPQVPPEE
GIRRTVEWMKWYYRIED
;
A
2 'polypeptide(L)'
;YPVAILLDALYWEHDKLEHHHHHHMETQRILVTGGAGFIGTNLVNELRNRGHEVLAVDLMHTE(HAR)EDYMRADVREYR
QVERIFEEDKFDYVYHLAAEYGRWNGEDYYENLWKTNVIGTKHMLRMQEKLGFRMIFFSSAEVYGDYSGLMSEDVMVKNP
ISDTYQMNDYAITKWAGELMCMNSAEMFGTETVRVRPVNCYGPHEKYSPYKGFIPIFIYHALHRKPYTVYKGHKRIIDYV
EDSVRTFANIVDNFIPGEVYNVGGRTEWEHDIKEYSDMVLEAVGIDDSIVTYRESEPFTTKVKTMDFSKAIRDLKHDPQV
PPEEGIRRTVEWMKWYYRIED
;
B
#
loop_
_chem_comp.id
_chem_comp.type
_chem_comp.name
_chem_comp.formula
CL non-polymer 'CHLORIDE ION' 'Cl -1'
EDO non-polymer 1,2-ETHANEDIOL 'C2 H6 O2'
MG non-polymer 'MAGNESIUM ION' 'Mg 2'
NAD non-polymer NICOTINAMIDE-ADENINE-DINUCLEOTIDE 'C21 H27 N7 O14 P2'
UDP RNA linking URIDINE-5'-DIPHOSPHATE 'C9 H14 N2 O12 P2'
#
# COMPACT_ATOMS: atom_id res chain seq x y z
N MET A 25 25.86 13.36 24.03
CA MET A 25 25.96 14.84 23.92
C MET A 25 26.37 15.35 22.51
N GLU A 26 26.31 14.44 21.52
CA GLU A 26 26.65 14.73 20.13
C GLU A 26 25.53 15.39 19.34
N THR A 27 25.83 16.55 18.77
CA THR A 27 24.91 17.29 17.93
C THR A 27 24.75 16.60 16.57
N GLN A 28 23.51 16.38 16.19
CA GLN A 28 23.20 15.88 14.85
C GLN A 28 22.58 16.97 14.02
N ARG A 29 22.75 16.87 12.71
CA ARG A 29 21.99 17.69 11.79
C ARG A 29 20.78 16.84 11.38
N ILE A 30 19.60 17.35 11.71
CA ILE A 30 18.37 16.57 11.60
C ILE A 30 17.33 17.32 10.80
N LEU A 31 16.71 16.60 9.87
CA LEU A 31 15.48 17.09 9.22
C LEU A 31 14.24 16.45 9.86
N VAL A 32 13.19 17.24 10.09
CA VAL A 32 11.91 16.70 10.52
C VAL A 32 10.86 17.15 9.52
N THR A 33 10.37 16.22 8.71
CA THR A 33 9.27 16.54 7.76
C THR A 33 7.99 16.39 8.59
N GLY A 34 6.94 17.10 8.22
CA GLY A 34 5.76 17.18 9.09
C GLY A 34 6.10 17.93 10.38
N GLY A 35 7.13 18.78 10.30
CA GLY A 35 7.67 19.45 11.46
C GLY A 35 6.85 20.58 12.07
N ALA A 36 5.78 21.02 11.40
CA ALA A 36 4.82 21.97 12.01
C ALA A 36 3.62 21.27 12.59
N GLY A 37 3.59 19.94 12.51
CA GLY A 37 2.47 19.17 13.04
C GLY A 37 2.52 19.00 14.56
N PHE A 38 1.68 18.11 15.08
CA PHE A 38 1.57 17.94 16.52
C PHE A 38 2.83 17.27 17.09
N ILE A 39 3.10 16.03 16.68
CA ILE A 39 4.30 15.34 17.19
C ILE A 39 5.57 16.08 16.67
N GLY A 40 5.53 16.46 15.40
CA GLY A 40 6.63 17.15 14.73
C GLY A 40 7.11 18.39 15.45
N THR A 41 6.18 19.27 15.84
CA THR A 41 6.53 20.49 16.60
C THR A 41 7.19 20.11 17.91
N ASN A 42 6.57 19.23 18.69
CA ASN A 42 7.17 18.77 19.94
C ASN A 42 8.52 18.12 19.71
N LEU A 43 8.64 17.33 18.63
CA LEU A 43 9.90 16.60 18.38
C LEU A 43 11.02 17.55 18.00
N VAL A 44 10.72 18.50 17.11
CA VAL A 44 11.68 19.52 16.73
C VAL A 44 12.17 20.24 17.98
N ASN A 45 11.23 20.65 18.85
CA ASN A 45 11.58 21.45 20.03
C ASN A 45 12.50 20.66 20.96
N GLU A 46 12.14 19.39 21.18
CA GLU A 46 12.92 18.48 22.01
C GLU A 46 14.30 18.24 21.42
N LEU A 47 14.39 17.97 20.11
CA LEU A 47 15.69 17.75 19.48
C LEU A 47 16.55 19.02 19.59
N ARG A 48 15.96 20.18 19.32
CA ARG A 48 16.67 21.47 19.49
C ARG A 48 17.14 21.69 20.95
N ASN A 49 16.28 21.37 21.91
CA ASN A 49 16.61 21.47 23.33
C ASN A 49 17.78 20.59 23.68
N ARG A 50 17.93 19.47 22.98
CA ARG A 50 19.05 18.58 23.20
C ARG A 50 20.33 19.03 22.53
N GLY A 51 20.25 20.08 21.70
CA GLY A 51 21.43 20.62 21.03
C GLY A 51 21.61 20.23 19.58
N HIS A 52 20.64 19.51 19.01
CA HIS A 52 20.70 19.18 17.58
C HIS A 52 20.38 20.39 16.73
N GLU A 53 20.92 20.43 15.51
CA GLU A 53 20.53 21.45 14.53
C GLU A 53 19.41 20.84 13.73
N VAL A 54 18.22 21.44 13.81
CA VAL A 54 17.01 20.86 13.26
C VAL A 54 16.36 21.78 12.25
N LEU A 55 16.24 21.30 11.01
CA LEU A 55 15.35 21.94 10.04
C LEU A 55 13.96 21.30 10.11
N ALA A 56 12.94 22.12 10.27
CA ALA A 56 11.56 21.66 10.24
C ALA A 56 11.03 21.90 8.83
N VAL A 57 10.34 20.91 8.29
CA VAL A 57 9.73 21.03 6.98
C VAL A 57 8.25 20.66 7.04
N ASP A 58 7.40 21.48 6.41
CA ASP A 58 5.98 21.20 6.38
C ASP A 58 5.33 21.83 5.16
N LEU A 59 4.01 21.74 5.11
CA LEU A 59 3.25 22.00 3.89
C LEU A 59 2.86 23.47 3.69
N MET A 60 2.91 24.24 4.77
CA MET A 60 2.52 25.64 4.72
C MET A 60 3.73 26.57 4.93
N HIS A 61 3.54 27.86 4.65
CA HIS A 61 4.53 28.84 5.03
C HIS A 61 4.33 29.14 6.51
N THR A 62 5.41 29.44 7.23
CA THR A 62 5.29 29.89 8.62
C THR A 62 6.31 31.03 8.85
N GLU A 63 6.27 31.59 10.05
CA GLU A 63 7.13 32.73 10.43
C GLU A 63 8.47 32.23 10.93
N ARG A 64 8.52 30.94 11.27
CA ARG A 64 9.64 30.30 12.00
C ARG A 64 10.99 30.35 11.28
N GLU A 65 12.04 30.50 12.07
CA GLU A 65 13.39 30.22 11.61
C GLU A 65 13.62 28.70 11.56
N ASP A 66 14.61 28.30 10.78
CA ASP A 66 14.96 26.90 10.56
C ASP A 66 13.75 26.06 10.15
N TYR A 67 13.00 26.67 9.23
CA TYR A 67 11.77 26.11 8.68
C TYR A 67 11.80 26.32 7.17
N MET A 68 11.35 25.31 6.44
CA MET A 68 11.20 25.41 5.01
C MET A 68 9.87 24.74 4.62
N ARG A 69 9.09 25.41 3.76
CA ARG A 69 7.95 24.76 3.18
C ARG A 69 8.45 23.80 2.10
N ALA A 70 7.95 22.56 2.17
CA ALA A 70 8.14 21.57 1.10
C ALA A 70 6.96 20.64 1.12
N ASP A 71 6.27 20.58 -0.01
CA ASP A 71 5.23 19.61 -0.20
C ASP A 71 5.98 18.32 -0.55
N VAL A 72 5.96 17.33 0.36
CA VAL A 72 6.71 16.09 0.12
C VAL A 72 6.17 15.28 -1.07
N ARG A 73 4.98 15.59 -1.56
CA ARG A 73 4.47 14.96 -2.80
C ARG A 73 5.26 15.38 -4.05
N GLU A 74 5.91 16.54 -3.95
CA GLU A 74 6.54 17.16 -5.12
C GLU A 74 8.05 16.93 -5.10
N TYR A 75 8.51 16.02 -5.96
CA TYR A 75 9.91 15.61 -6.01
C TYR A 75 10.87 16.79 -6.00
N ARG A 76 10.57 17.81 -6.81
CA ARG A 76 11.45 18.98 -6.93
C ARG A 76 11.60 19.68 -5.60
N GLN A 77 10.49 19.77 -4.86
CA GLN A 77 10.50 20.45 -3.56
C GLN A 77 11.23 19.64 -2.52
N VAL A 78 11.09 18.33 -2.60
CA VAL A 78 11.86 17.44 -1.71
C VAL A 78 13.35 17.59 -2.01
N GLU A 79 13.70 17.51 -3.29
CA GLU A 79 15.06 17.68 -3.72
C GLU A 79 15.67 19.00 -3.24
N ARG A 80 14.88 20.08 -3.24
CA ARG A 80 15.30 21.39 -2.73
C ARG A 80 15.76 21.31 -1.26
N ILE A 81 15.03 20.58 -0.41
CA ILE A 81 15.45 20.42 1.00
C ILE A 81 16.89 19.96 1.10
N PHE A 82 17.23 18.94 0.30
CA PHE A 82 18.55 18.31 0.39
C PHE A 82 19.63 19.04 -0.40
N GLU A 83 19.25 20.02 -1.21
CA GLU A 83 20.21 20.91 -1.84
C GLU A 83 20.72 21.90 -0.82
N GLU A 84 19.85 22.27 0.11
CA GLU A 84 20.15 23.30 1.11
C GLU A 84 21.05 22.84 2.26
N ASP A 85 20.77 21.66 2.83
CA ASP A 85 21.58 21.12 3.95
C ASP A 85 21.84 19.63 3.81
N LYS A 86 22.90 19.18 4.50
CA LYS A 86 23.24 17.79 4.67
C LYS A 86 22.67 17.38 6.02
N PHE A 87 22.08 16.19 6.06
CA PHE A 87 21.50 15.73 7.32
C PHE A 87 22.11 14.41 7.75
N ASP A 88 22.36 14.27 9.06
CA ASP A 88 22.72 12.96 9.59
C ASP A 88 21.48 12.08 9.71
N TYR A 89 20.40 12.70 10.17
CA TYR A 89 19.15 12.01 10.48
C TYR A 89 17.95 12.76 9.91
N VAL A 90 16.97 11.97 9.46
CA VAL A 90 15.73 12.51 8.93
C VAL A 90 14.62 11.80 9.68
N TYR A 91 13.75 12.58 10.33
CA TYR A 91 12.53 12.02 10.89
C TYR A 91 11.44 12.35 9.90
N HIS A 92 10.79 11.32 9.37
CA HIS A 92 9.80 11.52 8.34
C HIS A 92 8.40 11.34 8.93
N LEU A 93 7.80 12.46 9.34
CA LEU A 93 6.45 12.51 9.90
C LEU A 93 5.42 13.05 8.93
N ALA A 94 5.86 13.72 7.85
CA ALA A 94 4.92 14.34 6.89
C ALA A 94 3.91 13.29 6.42
N ALA A 95 2.65 13.57 6.67
CA ALA A 95 1.58 12.61 6.39
C ALA A 95 0.24 13.27 6.56
N GLU A 96 -0.72 12.68 5.86
CA GLU A 96 -2.12 12.87 6.18
C GLU A 96 -2.42 11.92 7.32
N TYR A 97 -2.66 12.50 8.49
CA TYR A 97 -2.93 11.73 9.67
C TYR A 97 -4.43 11.42 9.85
N GLY A 98 -4.73 10.15 10.19
CA GLY A 98 -6.01 9.80 10.74
C GLY A 98 -6.82 8.95 9.79
N ARG A 99 -7.53 7.98 10.35
CA ARG A 99 -8.29 7.05 9.53
C ARG A 99 -9.48 7.69 8.82
N TRP A 100 -10.27 8.51 9.53
CA TRP A 100 -11.39 9.23 8.89
C TRP A 100 -10.89 10.25 7.89
N ASN A 101 -9.81 10.95 8.25
CA ASN A 101 -9.19 11.87 7.33
C ASN A 101 -8.80 11.14 6.03
N GLY A 102 -8.19 9.95 6.16
CA GLY A 102 -7.76 9.17 5.02
C GLY A 102 -8.92 8.82 4.10
N GLU A 103 -10.07 8.46 4.67
CA GLU A 103 -11.27 8.15 3.87
C GLU A 103 -11.87 9.35 3.13
N ASP A 104 -11.87 10.50 3.78
CA ASP A 104 -12.47 11.71 3.22
C ASP A 104 -11.51 12.51 2.35
N TYR A 105 -10.22 12.25 2.50
CA TYR A 105 -9.17 13.01 1.77
C TYR A 105 -8.13 12.06 1.16
N TYR A 106 -8.62 10.97 0.55
CA TYR A 106 -7.74 9.88 0.15
C TYR A 106 -6.74 10.22 -0.94
N GLU A 107 -7.06 11.19 -1.81
CA GLU A 107 -6.10 11.61 -2.83
C GLU A 107 -4.85 12.19 -2.16
N ASN A 108 -5.07 13.09 -1.20
CA ASN A 108 -3.97 13.69 -0.45
C ASN A 108 -3.28 12.63 0.35
N LEU A 109 -4.06 11.71 0.92
CA LEU A 109 -3.50 10.63 1.71
C LEU A 109 -2.45 9.83 0.95
N TRP A 110 -2.84 9.30 -0.22
CA TRP A 110 -1.98 8.39 -0.97
C TRP A 110 -0.77 9.11 -1.54
N LYS A 111 -1.02 10.29 -2.09
CA LYS A 111 0.06 11.10 -2.68
C LYS A 111 1.12 11.46 -1.64
N THR A 112 0.69 11.96 -0.48
CA THR A 112 1.61 12.37 0.56
C THR A 112 2.23 11.18 1.26
N ASN A 113 1.39 10.31 1.84
CA ASN A 113 1.93 9.23 2.66
C ASN A 113 2.81 8.27 1.92
N VAL A 114 2.46 7.98 0.67
CA VAL A 114 3.17 6.95 -0.09
C VAL A 114 4.13 7.57 -1.13
N ILE A 115 3.64 8.39 -2.05
CA ILE A 115 4.56 8.99 -3.03
C ILE A 115 5.62 9.85 -2.32
N GLY A 116 5.18 10.61 -1.32
CA GLY A 116 6.05 11.47 -0.51
C GLY A 116 7.14 10.64 0.15
N THR A 117 6.73 9.52 0.74
CA THR A 117 7.68 8.61 1.36
C THR A 117 8.64 8.03 0.33
N LYS A 118 8.13 7.65 -0.86
CA LYS A 118 9.04 7.17 -1.92
C LYS A 118 10.04 8.24 -2.35
N HIS A 119 9.61 9.50 -2.49
CA HIS A 119 10.59 10.57 -2.80
C HIS A 119 11.66 10.61 -1.72
N MET A 120 11.26 10.50 -0.46
CA MET A 120 12.23 10.54 0.66
C MET A 120 13.21 9.36 0.58
N LEU A 121 12.67 8.17 0.28
CA LEU A 121 13.50 6.98 0.04
C LEU A 121 14.49 7.17 -1.10
N ARG A 122 14.06 7.79 -2.20
CA ARG A 122 14.98 8.10 -3.32
C ARG A 122 16.11 9.01 -2.87
N MET A 123 15.78 10.05 -2.11
CA MET A 123 16.80 10.92 -1.50
C MET A 123 17.75 10.14 -0.59
N GLN A 124 17.18 9.27 0.24
CA GLN A 124 18.00 8.46 1.17
C GLN A 124 18.96 7.54 0.42
N GLU A 125 18.47 6.94 -0.66
CA GLU A 125 19.26 6.09 -1.53
C GLU A 125 20.41 6.85 -2.20
N LYS A 126 20.16 8.11 -2.56
CA LYS A 126 21.19 9.00 -3.12
C LYS A 126 22.17 9.48 -2.05
N LEU A 127 21.65 9.85 -0.88
CA LEU A 127 22.42 10.65 0.08
C LEU A 127 22.87 9.90 1.30
N GLY A 128 22.21 8.78 1.61
CA GLY A 128 22.59 7.92 2.74
C GLY A 128 22.41 8.44 4.17
N PHE A 129 21.53 9.42 4.41
CA PHE A 129 21.17 9.77 5.78
C PHE A 129 20.41 8.59 6.41
N ARG A 130 20.32 8.61 7.74
CA ARG A 130 19.52 7.66 8.47
C ARG A 130 18.13 8.23 8.62
N MET A 131 17.11 7.38 8.48
CA MET A 131 15.74 7.86 8.56
C MET A 131 14.96 7.19 9.67
N ILE A 132 14.12 7.97 10.35
CA ILE A 132 13.14 7.40 11.25
C ILE A 132 11.81 7.52 10.53
N PHE A 133 11.24 6.38 10.15
CA PHE A 133 9.97 6.41 9.42
C PHE A 133 8.82 6.23 10.40
N PHE A 134 7.86 7.17 10.34
CA PHE A 134 6.64 7.12 11.15
C PHE A 134 5.54 6.31 10.50
N SER A 135 5.35 5.13 11.06
CA SER A 135 4.26 4.26 10.67
C SER A 135 3.07 4.54 11.62
N SER A 136 2.37 3.49 12.07
CA SER A 136 1.20 3.66 12.95
C SER A 136 0.88 2.29 13.52
N ALA A 137 0.44 2.26 14.77
CA ALA A 137 -0.06 1.01 15.37
C ALA A 137 -1.35 0.51 14.69
N GLU A 138 -1.92 1.32 13.79
CA GLU A 138 -3.01 0.83 12.94
C GLU A 138 -2.59 -0.25 11.96
N VAL A 139 -1.29 -0.41 11.75
CA VAL A 139 -0.80 -1.48 10.88
C VAL A 139 -1.11 -2.85 11.45
N TYR A 140 -1.33 -2.94 12.78
CA TYR A 140 -1.75 -4.19 13.41
C TYR A 140 -3.21 -4.58 13.14
N GLY A 141 -3.97 -3.69 12.49
CA GLY A 141 -5.34 -4.02 12.14
C GLY A 141 -6.15 -4.29 13.41
N ASP A 142 -6.97 -5.35 13.39
CA ASP A 142 -7.86 -5.63 14.52
C ASP A 142 -7.33 -6.80 15.37
N TYR A 143 -6.02 -7.02 15.33
CA TYR A 143 -5.44 -8.13 16.07
C TYR A 143 -5.82 -8.02 17.56
N SER A 144 -6.27 -9.12 18.16
CA SER A 144 -6.79 -9.07 19.52
C SER A 144 -5.75 -9.45 20.57
N GLY A 145 -4.57 -9.91 20.16
CA GLY A 145 -3.53 -10.30 21.11
C GLY A 145 -2.53 -9.19 21.36
N LEU A 146 -1.41 -9.53 21.99
CA LEU A 146 -0.39 -8.53 22.35
C LEU A 146 0.27 -8.04 21.07
N MET A 147 0.18 -6.73 20.85
CA MET A 147 0.79 -6.12 19.66
C MET A 147 2.28 -5.87 19.85
N SER A 148 3.04 -6.96 19.80
CA SER A 148 4.51 -6.93 19.71
C SER A 148 4.84 -6.66 18.27
N GLU A 149 6.00 -6.06 18.02
CA GLU A 149 6.37 -5.68 16.66
C GLU A 149 6.40 -6.89 15.73
N ASP A 150 6.81 -8.05 16.26
CA ASP A 150 6.90 -9.24 15.43
C ASP A 150 5.54 -9.86 15.06
N VAL A 151 4.44 -9.28 15.54
CA VAL A 151 3.11 -9.66 15.03
C VAL A 151 3.07 -9.33 13.51
N MET A 152 3.84 -8.31 13.09
CA MET A 152 3.95 -7.90 11.67
C MET A 152 5.01 -8.71 10.92
N VAL A 153 5.47 -9.81 11.54
CA VAL A 153 6.44 -10.73 10.95
C VAL A 153 5.87 -12.16 11.00
N LYS A 154 5.56 -12.66 12.19
CA LYS A 154 5.26 -14.07 12.40
C LYS A 154 3.79 -14.42 12.37
N ASN A 155 2.90 -13.46 12.66
CA ASN A 155 1.48 -13.76 12.67
C ASN A 155 0.92 -13.90 11.27
N PRO A 156 -0.09 -14.79 11.11
CA PRO A 156 -0.81 -14.90 9.84
C PRO A 156 -1.15 -13.50 9.35
N ILE A 157 -0.98 -13.27 8.07
CA ILE A 157 -1.31 -11.97 7.48
C ILE A 157 -2.76 -11.51 7.80
N SER A 158 -3.71 -12.45 7.92
CA SER A 158 -5.10 -12.06 8.10
C SER A 158 -5.33 -11.51 9.51
N ASP A 159 -4.40 -11.74 10.45
CA ASP A 159 -4.51 -11.17 11.81
C ASP A 159 -4.45 -9.65 11.80
N THR A 160 -3.78 -9.06 10.79
CA THR A 160 -3.47 -7.64 10.81
C THR A 160 -3.90 -6.86 9.58
N TYR A 161 -4.72 -7.46 8.71
CA TYR A 161 -5.23 -6.74 7.54
C TYR A 161 -5.62 -5.34 7.95
N GLN A 162 -5.02 -4.35 7.30
CA GLN A 162 -5.20 -2.95 7.68
C GLN A 162 -6.60 -2.51 7.29
N MET A 163 -7.24 -1.75 8.17
CA MET A 163 -8.70 -1.60 8.08
C MET A 163 -9.19 -0.34 7.37
N ASN A 164 -8.26 0.53 6.96
CA ASN A 164 -8.61 1.76 6.25
C ASN A 164 -7.41 2.18 5.42
N ASP A 165 -7.61 3.10 4.49
CA ASP A 165 -6.51 3.52 3.60
C ASP A 165 -5.32 4.09 4.37
N TYR A 166 -5.60 4.85 5.42
CA TYR A 166 -4.55 5.47 6.21
C TYR A 166 -3.60 4.38 6.77
N ALA A 167 -4.17 3.37 7.42
CA ALA A 167 -3.41 2.24 7.94
C ALA A 167 -2.59 1.52 6.83
N ILE A 168 -3.21 1.36 5.65
CA ILE A 168 -2.55 0.72 4.50
C ILE A 168 -1.36 1.57 4.05
N THR A 169 -1.50 2.92 4.05
CA THR A 169 -0.36 3.79 3.66
C THR A 169 0.84 3.59 4.58
N LYS A 170 0.60 3.35 5.86
CA LYS A 170 1.68 3.22 6.81
C LYS A 170 2.38 1.89 6.62
N TRP A 171 1.57 0.83 6.45
CA TRP A 171 2.11 -0.49 6.17
C TRP A 171 2.85 -0.48 4.85
N ALA A 172 2.29 0.17 3.81
CA ALA A 172 2.99 0.29 2.51
C ALA A 172 4.35 0.97 2.71
N GLY A 173 4.36 2.04 3.52
CA GLY A 173 5.60 2.75 3.85
C GLY A 173 6.68 1.89 4.51
N GLU A 174 6.27 1.06 5.46
CA GLU A 174 7.18 0.14 6.14
C GLU A 174 7.79 -0.85 5.14
N LEU A 175 6.95 -1.42 4.28
CA LEU A 175 7.39 -2.32 3.21
C LEU A 175 8.41 -1.64 2.29
N MET A 176 8.16 -0.38 1.97
CA MET A 176 9.03 0.40 1.07
C MET A 176 10.35 0.68 1.73
N CYS A 177 10.34 1.03 3.01
CA CYS A 177 11.57 1.14 3.81
C CYS A 177 12.38 -0.17 3.80
N MET A 178 11.70 -1.31 4.00
CA MET A 178 12.40 -2.59 4.01
C MET A 178 12.99 -2.90 2.64
N ASN A 179 12.25 -2.60 1.58
CA ASN A 179 12.74 -2.88 0.23
C ASN A 179 13.94 -2.02 -0.16
N SER A 180 13.89 -0.76 0.25
CA SER A 180 14.99 0.17 0.05
C SER A 180 16.24 -0.32 0.82
N ALA A 181 16.04 -0.72 2.07
CA ALA A 181 17.14 -1.25 2.89
C ALA A 181 17.77 -2.46 2.18
N GLU A 182 16.94 -3.41 1.70
CA GLU A 182 17.41 -4.64 1.03
C GLU A 182 18.18 -4.30 -0.24
N MET A 183 17.63 -3.38 -1.03
CA MET A 183 18.14 -3.11 -2.36
C MET A 183 19.34 -2.16 -2.34
N PHE A 184 19.33 -1.19 -1.43
CA PHE A 184 20.33 -0.13 -1.46
C PHE A 184 21.15 -0.03 -0.19
N GLY A 185 20.81 -0.80 0.84
CA GLY A 185 21.53 -0.69 2.11
C GLY A 185 21.21 0.60 2.85
N THR A 186 20.08 1.21 2.55
CA THR A 186 19.68 2.40 3.31
C THR A 186 19.40 2.00 4.78
N GLU A 187 19.55 2.96 5.68
CA GLU A 187 19.43 2.73 7.12
C GLU A 187 18.26 3.48 7.72
N THR A 188 17.29 2.71 8.19
CA THR A 188 15.98 3.23 8.61
C THR A 188 15.51 2.49 9.83
N VAL A 189 15.00 3.24 10.79
CA VAL A 189 14.26 2.69 11.92
C VAL A 189 12.80 3.08 11.66
N ARG A 190 11.90 2.13 11.84
CA ARG A 190 10.47 2.41 11.77
C ARG A 190 9.94 2.54 13.18
N VAL A 191 9.03 3.48 13.37
CA VAL A 191 8.29 3.58 14.62
C VAL A 191 6.80 3.45 14.36
N ARG A 192 6.12 2.79 15.29
CA ARG A 192 4.68 2.69 15.27
C ARG A 192 4.14 3.48 16.45
N PRO A 193 3.78 4.76 16.21
CA PRO A 193 3.20 5.50 17.31
C PRO A 193 1.80 4.93 17.54
N VAL A 194 1.27 5.22 18.72
CA VAL A 194 0.10 4.50 19.19
C VAL A 194 -1.11 5.43 19.27
N ASN A 195 -1.21 6.22 20.34
CA ASN A 195 -2.40 7.05 20.62
C ASN A 195 -1.92 8.24 21.41
N CYS A 196 -1.15 9.06 20.71
CA CYS A 196 -0.43 10.19 21.26
C CYS A 196 -1.37 11.37 21.38
N TYR A 197 -1.24 12.13 22.46
CA TYR A 197 -2.12 13.25 22.75
C TYR A 197 -1.28 14.21 23.59
N GLY A 198 -1.71 15.45 23.68
CA GLY A 198 -1.10 16.35 24.64
C GLY A 198 -1.17 17.80 24.20
N PRO A 199 -0.58 18.70 25.01
CA PRO A 199 -0.44 20.11 24.65
C PRO A 199 0.10 20.28 23.26
N HIS A 200 -0.44 21.28 22.55
CA HIS A 200 -0.06 21.66 21.19
C HIS A 200 -0.78 20.83 20.14
N GLU A 201 -1.61 19.87 20.54
CA GLU A 201 -2.45 19.23 19.53
C GLU A 201 -3.75 20.02 19.40
N LYS A 202 -3.95 20.65 18.23
CA LYS A 202 -5.16 21.44 17.96
C LYS A 202 -6.34 20.51 17.80
N TYR A 203 -7.53 21.00 18.15
CA TYR A 203 -8.72 20.22 17.84
C TYR A 203 -9.14 20.36 16.37
N SER A 204 -9.59 19.25 15.80
CA SER A 204 -10.45 19.28 14.64
C SER A 204 -11.27 18.00 14.77
N PRO A 205 -12.39 17.88 14.04
CA PRO A 205 -13.13 16.62 14.07
C PRO A 205 -12.33 15.44 13.50
N TYR A 206 -11.15 15.68 12.93
CA TYR A 206 -10.40 14.60 12.29
C TYR A 206 -9.20 14.14 13.12
N LYS A 207 -9.14 14.64 14.35
CA LYS A 207 -8.10 14.27 15.30
C LYS A 207 -8.55 12.99 15.99
N GLY A 208 -7.68 12.43 16.84
CA GLY A 208 -8.03 11.23 17.60
C GLY A 208 -8.98 11.56 18.75
N PHE A 209 -9.39 10.54 19.48
CA PHE A 209 -10.46 10.67 20.47
C PHE A 209 -10.18 11.64 21.61
N ILE A 210 -8.94 11.68 22.09
CA ILE A 210 -8.60 12.51 23.24
C ILE A 210 -8.87 14.00 23.00
N PRO A 211 -8.27 14.60 21.95
CA PRO A 211 -8.59 16.01 21.75
C PRO A 211 -10.06 16.28 21.37
N ILE A 212 -10.74 15.31 20.75
CA ILE A 212 -12.19 15.43 20.49
C ILE A 212 -12.97 15.50 21.81
N PHE A 213 -12.69 14.56 22.71
CA PHE A 213 -13.33 14.53 24.03
C PHE A 213 -13.10 15.86 24.79
N ILE A 214 -11.84 16.26 24.88
CA ILE A 214 -11.43 17.49 25.60
C ILE A 214 -12.12 18.75 25.08
N TYR A 215 -12.01 18.99 23.76
CA TYR A 215 -12.59 20.17 23.16
C TYR A 215 -14.11 20.20 23.32
N HIS A 216 -14.78 19.08 23.06
CA HIS A 216 -16.24 19.01 23.25
C HIS A 216 -16.62 19.17 24.71
N ALA A 217 -15.92 18.48 25.60
CA ALA A 217 -16.17 18.64 27.03
C ALA A 217 -15.94 20.09 27.48
N LEU A 218 -14.84 20.70 27.08
CA LEU A 218 -14.57 22.11 27.40
C LEU A 218 -15.65 23.09 26.94
N HIS A 219 -16.27 22.81 25.79
CA HIS A 219 -17.40 23.61 25.27
C HIS A 219 -18.77 23.11 25.70
N ARG A 220 -18.80 22.11 26.57
CA ARG A 220 -20.05 21.47 27.03
C ARG A 220 -20.91 21.00 25.84
N LYS A 221 -20.25 20.62 24.75
CA LYS A 221 -20.88 20.13 23.51
C LYS A 221 -20.96 18.59 23.53
N PRO A 222 -22.06 18.01 23.01
CA PRO A 222 -22.17 16.54 22.95
C PRO A 222 -21.01 15.89 22.19
N TYR A 223 -20.64 14.70 22.64
CA TYR A 223 -19.71 13.83 21.88
C TYR A 223 -20.06 12.38 22.16
N THR A 224 -19.54 11.48 21.33
CA THR A 224 -19.86 10.07 21.38
C THR A 224 -18.71 9.24 21.96
N VAL A 225 -19.05 8.29 22.82
CA VAL A 225 -18.10 7.34 23.35
C VAL A 225 -18.51 5.96 22.88
N TYR A 226 -17.63 5.35 22.08
CA TYR A 226 -17.79 3.96 21.67
C TYR A 226 -17.16 3.11 22.75
N LYS A 227 -18.01 2.39 23.49
CA LYS A 227 -17.62 1.71 24.72
C LYS A 227 -16.68 0.51 24.53
N GLY A 228 -16.94 -0.33 23.52
CA GLY A 228 -16.28 -1.64 23.43
C GLY A 228 -14.88 -1.61 22.83
N HIS A 229 -14.04 -0.70 23.32
CA HIS A 229 -12.67 -0.55 22.83
C HIS A 229 -11.75 -0.23 23.98
N LYS A 230 -10.49 -0.66 23.87
CA LYS A 230 -9.43 -0.32 24.83
C LYS A 230 -8.27 0.31 24.10
N ARG A 231 -7.66 1.30 24.73
CA ARG A 231 -6.49 1.97 24.18
C ARG A 231 -5.51 2.22 25.32
N ILE A 232 -4.23 2.35 24.95
CA ILE A 232 -3.21 2.90 25.82
C ILE A 232 -2.83 4.26 25.22
N ILE A 233 -3.02 5.33 25.97
CA ILE A 233 -2.74 6.64 25.39
C ILE A 233 -1.38 7.08 25.89
N ASP A 234 -0.68 7.86 25.05
CA ASP A 234 0.69 8.25 25.36
C ASP A 234 0.84 9.73 25.24
N TYR A 235 1.40 10.31 26.29
CA TYR A 235 1.55 11.76 26.40
C TYR A 235 2.70 12.18 25.49
N VAL A 236 2.45 13.18 24.65
CA VAL A 236 3.42 13.61 23.62
C VAL A 236 4.85 13.81 24.11
N GLU A 237 4.98 14.48 25.26
CA GLU A 237 6.30 14.72 25.84
C GLU A 237 7.10 13.43 26.13
N ASP A 238 6.41 12.39 26.60
CA ASP A 238 7.03 11.09 26.81
C ASP A 238 7.42 10.45 25.47
N SER A 239 6.51 10.49 24.51
CA SER A 239 6.72 9.78 23.25
C SER A 239 7.85 10.45 22.46
N VAL A 240 7.87 11.78 22.46
CA VAL A 240 8.91 12.54 21.79
C VAL A 240 10.28 12.30 22.45
N ARG A 241 10.32 12.15 23.78
CA ARG A 241 11.58 11.79 24.46
C ARG A 241 12.16 10.49 23.85
N THR A 242 11.30 9.47 23.71
CA THR A 242 11.71 8.21 23.10
C THR A 242 12.07 8.38 21.61
N PHE A 243 11.24 9.11 20.83
CA PHE A 243 11.57 9.33 19.41
C PHE A 243 12.93 10.01 19.27
N ALA A 244 13.19 11.01 20.12
CA ALA A 244 14.47 11.71 20.16
C ALA A 244 15.65 10.81 20.52
N ASN A 245 15.40 9.81 21.38
CA ASN A 245 16.43 8.87 21.82
C ASN A 245 16.93 7.98 20.67
N ILE A 246 16.17 7.90 19.58
CA ILE A 246 16.55 7.05 18.45
C ILE A 246 17.90 7.46 17.85
N VAL A 247 18.15 8.76 17.71
CA VAL A 247 19.42 9.23 17.17
C VAL A 247 20.60 8.82 18.06
N ASP A 248 20.33 8.53 19.34
CA ASP A 248 21.37 8.09 20.29
C ASP A 248 21.63 6.57 20.23
N ASN A 249 20.67 5.80 19.71
CA ASN A 249 20.87 4.34 19.59
C ASN A 249 20.14 3.81 18.37
N PHE A 250 20.63 4.20 17.20
CA PHE A 250 19.94 3.90 15.95
C PHE A 250 20.37 2.55 15.41
N ILE A 251 19.46 1.60 15.34
CA ILE A 251 19.78 0.27 14.87
C ILE A 251 19.10 0.08 13.50
N PRO A 252 19.89 0.15 12.40
CA PRO A 252 19.25 0.11 11.08
C PRO A 252 18.35 -1.13 10.93
N GLY A 253 17.18 -0.94 10.35
CA GLY A 253 16.30 -2.08 10.10
C GLY A 253 15.35 -2.41 11.25
N GLU A 254 15.52 -1.75 12.39
CA GLU A 254 14.60 -2.00 13.50
C GLU A 254 13.22 -1.30 13.36
N VAL A 255 12.25 -1.82 14.09
CA VAL A 255 10.92 -1.23 14.22
C VAL A 255 10.45 -1.25 15.69
N TYR A 256 9.87 -0.14 16.17
CA TYR A 256 9.47 0.01 17.56
C TYR A 256 8.06 0.55 17.68
N ASN A 257 7.22 -0.13 18.46
CA ASN A 257 6.06 0.52 19.04
C ASN A 257 6.57 1.56 20.01
N VAL A 258 6.04 2.79 19.91
CA VAL A 258 6.36 3.85 20.87
C VAL A 258 5.04 4.41 21.38
N GLY A 259 4.80 4.20 22.67
CA GLY A 259 3.59 4.68 23.29
C GLY A 259 3.76 4.74 24.79
N GLY A 260 2.71 4.34 25.52
CA GLY A 260 2.68 4.53 26.96
C GLY A 260 3.28 3.33 27.62
N ARG A 261 2.49 2.74 28.52
CA ARG A 261 2.84 1.50 29.19
C ARG A 261 1.69 0.52 29.04
N THR A 262 2.03 -0.75 28.94
CA THR A 262 1.00 -1.80 28.78
C THR A 262 -0.03 -1.70 29.91
N GLU A 263 0.41 -1.35 31.11
CA GLU A 263 -0.48 -1.22 32.28
C GLU A 263 -1.42 0.00 32.26
N TRP A 264 -1.19 0.94 31.34
CA TRP A 264 -2.07 2.10 31.27
C TRP A 264 -3.26 1.87 30.32
N GLU A 265 -3.61 0.61 30.09
CA GLU A 265 -4.70 0.33 29.17
C GLU A 265 -6.03 0.65 29.87
N HIS A 266 -6.94 1.31 29.16
CA HIS A 266 -8.26 1.61 29.69
C HIS A 266 -9.28 1.47 28.57
N ASP A 267 -10.54 1.29 28.95
CA ASP A 267 -11.59 1.37 27.93
C ASP A 267 -11.95 2.84 27.70
N ILE A 268 -12.76 3.09 26.67
CA ILE A 268 -12.96 4.46 26.19
C ILE A 268 -13.73 5.31 27.19
N LYS A 269 -14.71 4.69 27.86
CA LYS A 269 -15.49 5.37 28.89
C LYS A 269 -14.56 5.86 30.00
N GLU A 270 -13.59 5.02 30.38
CA GLU A 270 -12.62 5.45 31.40
C GLU A 270 -11.86 6.71 31.00
N TYR A 271 -11.41 6.79 29.74
CA TYR A 271 -10.77 8.00 29.23
C TYR A 271 -11.71 9.17 29.17
N SER A 272 -12.93 8.95 28.68
CA SER A 272 -13.98 9.97 28.74
C SER A 272 -14.18 10.50 30.16
N ASP A 273 -14.30 9.60 31.13
CA ASP A 273 -14.49 10.01 32.53
C ASP A 273 -13.32 10.84 33.06
N MET A 274 -12.09 10.49 32.64
CA MET A 274 -10.91 11.31 33.01
C MET A 274 -10.98 12.73 32.47
N VAL A 275 -11.42 12.84 31.21
CA VAL A 275 -11.62 14.14 30.58
C VAL A 275 -12.65 14.97 31.36
N LEU A 276 -13.82 14.36 31.58
CA LEU A 276 -14.95 15.01 32.28
C LEU A 276 -14.57 15.46 33.70
N GLU A 277 -13.91 14.56 34.44
CA GLU A 277 -13.37 14.84 35.78
C GLU A 277 -12.43 16.06 35.73
N ALA A 278 -11.52 16.08 34.76
CA ALA A 278 -10.57 17.17 34.61
C ALA A 278 -11.24 18.48 34.20
N VAL A 279 -12.29 18.43 33.38
CA VAL A 279 -13.08 19.61 33.01
C VAL A 279 -13.96 20.05 34.18
N GLY A 280 -14.41 19.08 34.98
CA GLY A 280 -15.24 19.32 36.15
C GLY A 280 -16.74 19.26 35.87
N ILE A 281 -17.12 18.45 34.89
CA ILE A 281 -18.53 18.24 34.52
C ILE A 281 -18.85 16.75 34.56
N ASP A 282 -20.13 16.40 34.56
CA ASP A 282 -20.50 14.99 34.52
C ASP A 282 -20.69 14.58 33.07
N ASP A 283 -21.24 13.39 32.85
CA ASP A 283 -21.29 12.81 31.50
C ASP A 283 -22.64 13.00 30.78
N SER A 284 -23.44 13.94 31.26
CA SER A 284 -24.74 14.23 30.63
C SER A 284 -24.61 14.55 29.12
N ILE A 285 -23.46 15.11 28.72
CA ILE A 285 -23.23 15.44 27.31
C ILE A 285 -22.75 14.27 26.44
N VAL A 286 -22.55 13.10 27.04
CA VAL A 286 -21.96 11.98 26.32
C VAL A 286 -23.04 11.07 25.73
N THR A 287 -22.92 10.80 24.42
CA THR A 287 -23.69 9.74 23.79
C THR A 287 -22.85 8.45 23.83
N TYR A 288 -23.38 7.41 24.46
CA TYR A 288 -22.69 6.12 24.49
C TYR A 288 -23.19 5.20 23.37
N ARG A 289 -22.25 4.51 22.75
CA ARG A 289 -22.55 3.49 21.75
C ARG A 289 -21.77 2.24 22.13
N GLU A 290 -22.23 1.08 21.68
CA GLU A 290 -21.58 -0.16 22.12
C GLU A 290 -20.16 -0.30 21.53
N SER A 291 -20.01 0.01 20.24
CA SER A 291 -18.71 -0.12 19.59
C SER A 291 -18.72 0.61 18.27
N GLU A 292 -17.55 1.05 17.82
CA GLU A 292 -17.42 1.72 16.54
C GLU A 292 -17.12 0.66 15.49
N PRO A 293 -17.91 0.65 14.41
CA PRO A 293 -17.62 -0.31 13.34
C PRO A 293 -16.25 -0.03 12.72
N PHE A 294 -15.59 -1.09 12.25
CA PHE A 294 -14.33 -1.04 11.49
C PHE A 294 -13.21 -0.36 12.27
N THR A 295 -13.30 -0.46 13.57
CA THR A 295 -12.36 0.18 14.45
C THR A 295 -11.71 -0.93 15.28
N THR A 296 -10.40 -0.83 15.50
CA THR A 296 -9.71 -1.82 16.31
C THR A 296 -10.34 -1.90 17.71
N LYS A 297 -10.66 -3.11 18.14
CA LYS A 297 -11.30 -3.33 19.41
C LYS A 297 -10.31 -3.06 20.56
N VAL A 298 -9.17 -3.73 20.54
CA VAL A 298 -8.19 -3.67 21.63
C VAL A 298 -6.80 -3.51 21.02
N LYS A 299 -6.03 -2.57 21.56
CA LYS A 299 -4.73 -2.22 21.02
C LYS A 299 -3.69 -2.39 22.11
N THR A 300 -3.51 -3.62 22.57
CA THR A 300 -2.62 -3.91 23.70
C THR A 300 -1.20 -3.96 23.18
N MET A 301 -0.44 -2.89 23.44
CA MET A 301 0.89 -2.72 22.88
C MET A 301 1.94 -3.32 23.78
N ASP A 302 2.97 -3.83 23.12
CA ASP A 302 4.15 -4.34 23.77
C ASP A 302 5.24 -3.32 23.51
N PHE A 303 5.75 -2.73 24.59
CA PHE A 303 6.81 -1.76 24.47
C PHE A 303 8.17 -2.26 24.88
N SER A 304 8.32 -3.57 25.05
N SER A 304 8.33 -3.57 25.04
CA SER A 304 9.59 -4.14 25.50
CA SER A 304 9.61 -4.16 25.49
C SER A 304 10.79 -3.72 24.62
C SER A 304 10.79 -3.72 24.62
N LYS A 305 10.60 -3.72 23.30
CA LYS A 305 11.67 -3.31 22.38
C LYS A 305 12.18 -1.87 22.58
N ALA A 306 11.27 -0.92 22.73
CA ALA A 306 11.62 0.47 22.98
C ALA A 306 12.26 0.63 24.37
N ILE A 307 11.70 -0.07 25.35
CA ILE A 307 12.32 -0.12 26.67
C ILE A 307 13.77 -0.62 26.56
N ARG A 308 14.00 -1.65 25.74
CA ARG A 308 15.33 -2.25 25.60
C ARG A 308 16.35 -1.35 24.87
N ASP A 309 15.96 -0.78 23.73
CA ASP A 309 16.88 -0.04 22.86
C ASP A 309 16.84 1.45 23.01
N LEU A 310 15.69 2.00 23.42
CA LEU A 310 15.47 3.43 23.29
C LEU A 310 15.30 4.12 24.64
N LYS A 311 15.67 3.44 25.74
CA LYS A 311 15.48 3.95 27.11
C LYS A 311 14.05 4.45 27.33
N HIS A 312 13.08 3.78 26.69
CA HIS A 312 11.68 4.19 26.78
C HIS A 312 11.21 4.17 28.23
N ASP A 313 10.81 5.31 28.75
CA ASP A 313 10.49 5.37 30.18
C ASP A 313 9.45 6.49 30.41
N PRO A 314 8.21 6.29 29.89
CA PRO A 314 7.23 7.36 29.95
C PRO A 314 6.81 7.71 31.40
N GLN A 315 6.65 9.00 31.67
CA GLN A 315 6.47 9.52 33.02
C GLN A 315 5.05 10.00 33.32
N VAL A 316 4.25 10.17 32.27
CA VAL A 316 2.95 10.80 32.39
C VAL A 316 1.80 9.81 32.08
N PRO A 317 1.15 9.28 33.12
CA PRO A 317 0.06 8.34 32.84
C PRO A 317 -1.19 9.11 32.38
N PRO A 318 -2.20 8.39 31.86
CA PRO A 318 -3.35 9.04 31.21
C PRO A 318 -4.06 10.10 32.05
N GLU A 319 -4.29 9.79 33.32
CA GLU A 319 -4.99 10.66 34.26
C GLU A 319 -4.33 12.06 34.33
N GLU A 320 -3.03 12.04 34.59
CA GLU A 320 -2.25 13.26 34.66
C GLU A 320 -2.14 13.92 33.28
N GLY A 321 -1.88 13.10 32.25
CA GLY A 321 -1.74 13.62 30.88
C GLY A 321 -2.97 14.33 30.39
N ILE A 322 -4.14 13.74 30.67
CA ILE A 322 -5.42 14.34 30.29
C ILE A 322 -5.61 15.69 31.01
N ARG A 323 -5.36 15.73 32.31
CA ARG A 323 -5.38 17.00 33.06
C ARG A 323 -4.53 18.05 32.37
N ARG A 324 -3.26 17.73 32.07
CA ARG A 324 -2.38 18.71 31.40
C ARG A 324 -2.94 19.19 30.06
N THR A 325 -3.54 18.27 29.32
CA THR A 325 -4.05 18.56 27.99
C THR A 325 -5.32 19.40 28.09
N VAL A 326 -6.21 19.06 29.03
CA VAL A 326 -7.40 19.88 29.33
C VAL A 326 -6.98 21.34 29.66
N GLU A 327 -6.06 21.49 30.60
CA GLU A 327 -5.50 22.82 30.95
C GLU A 327 -4.90 23.55 29.74
N TRP A 328 -4.03 22.90 28.97
CA TRP A 328 -3.52 23.50 27.74
C TRP A 328 -4.63 23.96 26.76
N MET A 329 -5.63 23.10 26.52
CA MET A 329 -6.70 23.45 25.60
C MET A 329 -7.55 24.60 26.11
N LYS A 330 -7.80 24.60 27.42
CA LYS A 330 -8.52 25.66 28.13
C LYS A 330 -7.87 27.03 27.91
N TRP A 331 -6.54 27.12 28.11
CA TRP A 331 -5.82 28.38 27.90
C TRP A 331 -5.76 28.77 26.43
N TYR A 332 -5.38 27.80 25.58
CA TYR A 332 -5.14 28.05 24.16
C TYR A 332 -6.41 28.47 23.40
N TYR A 333 -7.56 27.89 23.73
CA TYR A 333 -8.82 28.27 23.09
C TYR A 333 -9.63 29.27 23.92
N ARG A 334 -8.99 29.75 24.99
CA ARG A 334 -9.56 30.76 25.89
C ARG A 334 -11.00 30.44 26.31
N ILE A 335 -11.22 29.20 26.76
CA ILE A 335 -12.51 28.79 27.35
C ILE A 335 -12.67 29.39 28.76
N GLU B 26 -27.12 -15.15 -19.80
CA GLU B 26 -27.56 -13.72 -19.94
C GLU B 26 -26.38 -12.79 -20.16
N THR B 27 -26.52 -11.92 -21.17
CA THR B 27 -25.47 -10.96 -21.52
C THR B 27 -25.51 -9.73 -20.62
N GLN B 28 -24.33 -9.19 -20.35
CA GLN B 28 -24.16 -8.17 -19.34
C GLN B 28 -23.62 -6.92 -20.00
N ARG B 29 -23.80 -5.78 -19.32
CA ARG B 29 -23.07 -4.56 -19.64
C ARG B 29 -21.80 -4.52 -18.79
N ILE B 30 -20.67 -4.42 -19.47
CA ILE B 30 -19.38 -4.61 -18.83
C ILE B 30 -18.47 -3.45 -19.22
N LEU B 31 -17.81 -2.89 -18.21
CA LEU B 31 -16.72 -1.95 -18.36
C LEU B 31 -15.42 -2.70 -18.18
N VAL B 32 -14.47 -2.45 -19.08
CA VAL B 32 -13.13 -2.94 -18.89
C VAL B 32 -12.20 -1.72 -18.88
N THR B 33 -11.72 -1.35 -17.69
CA THR B 33 -10.69 -0.32 -17.63
C THR B 33 -9.35 -0.96 -17.97
N GLY B 34 -8.43 -0.18 -18.54
CA GLY B 34 -7.19 -0.75 -19.08
C GLY B 34 -7.55 -1.60 -20.29
N GLY B 35 -8.70 -1.28 -20.90
CA GLY B 35 -9.23 -2.06 -22.02
C GLY B 35 -8.48 -1.94 -23.33
N ALA B 36 -7.50 -1.02 -23.44
CA ALA B 36 -6.61 -1.00 -24.63
C ALA B 36 -5.26 -1.68 -24.34
N GLY B 37 -5.05 -2.17 -23.13
CA GLY B 37 -3.81 -2.92 -22.85
C GLY B 37 -3.82 -4.34 -23.40
N PHE B 38 -2.80 -5.11 -23.04
CA PHE B 38 -2.63 -6.46 -23.51
C PHE B 38 -3.78 -7.42 -23.08
N ILE B 39 -3.96 -7.63 -21.80
CA ILE B 39 -5.03 -8.55 -21.36
C ILE B 39 -6.39 -7.91 -21.65
N GLY B 40 -6.49 -6.60 -21.40
CA GLY B 40 -7.70 -5.80 -21.60
C GLY B 40 -8.23 -5.90 -23.01
N THR B 41 -7.37 -5.71 -24.02
CA THR B 41 -7.81 -5.86 -25.42
C THR B 41 -8.39 -7.25 -25.66
N ASN B 42 -7.66 -8.29 -25.25
CA ASN B 42 -8.12 -9.67 -25.47
C ASN B 42 -9.42 -9.96 -24.74
N LEU B 43 -9.52 -9.46 -23.51
CA LEU B 43 -10.66 -9.67 -22.66
C LEU B 43 -11.88 -8.96 -23.23
N VAL B 44 -11.70 -7.72 -23.66
CA VAL B 44 -12.76 -6.94 -24.30
C VAL B 44 -13.33 -7.75 -25.51
N ASN B 45 -12.43 -8.23 -26.37
CA ASN B 45 -12.88 -8.98 -27.56
C ASN B 45 -13.59 -10.27 -27.19
N GLU B 46 -13.07 -10.97 -26.17
CA GLU B 46 -13.67 -12.21 -25.74
C GLU B 46 -15.07 -12.00 -25.16
N LEU B 47 -15.20 -11.00 -24.30
CA LEU B 47 -16.50 -10.65 -23.73
C LEU B 47 -17.49 -10.25 -24.84
N ARG B 48 -17.05 -9.43 -25.80
CA ARG B 48 -17.88 -9.08 -26.96
C ARG B 48 -18.24 -10.31 -27.78
N ASN B 49 -17.28 -11.21 -27.99
CA ASN B 49 -17.53 -12.49 -28.64
C ASN B 49 -18.59 -13.32 -27.94
N ARG B 50 -18.68 -13.20 -26.61
CA ARG B 50 -19.73 -13.90 -25.87
C ARG B 50 -21.11 -13.22 -25.91
N GLY B 51 -21.21 -12.04 -26.54
CA GLY B 51 -22.48 -11.32 -26.66
C GLY B 51 -22.66 -10.20 -25.64
N HIS B 52 -21.70 -9.99 -24.75
CA HIS B 52 -21.80 -8.90 -23.77
C HIS B 52 -21.62 -7.53 -24.46
N GLU B 53 -22.19 -6.48 -23.89
CA GLU B 53 -21.92 -5.12 -24.36
C GLU B 53 -20.82 -4.57 -23.49
N VAL B 54 -19.74 -4.14 -24.13
CA VAL B 54 -18.49 -3.85 -23.41
C VAL B 54 -17.99 -2.48 -23.79
N LEU B 55 -17.81 -1.62 -22.80
CA LEU B 55 -17.08 -0.37 -22.98
C LEU B 55 -15.63 -0.58 -22.53
N ALA B 56 -14.70 -0.28 -23.41
CA ALA B 56 -13.28 -0.30 -23.08
C ALA B 56 -12.92 1.10 -22.70
N VAL B 57 -12.16 1.22 -21.63
CA VAL B 57 -11.68 2.50 -21.16
C VAL B 57 -10.17 2.41 -20.93
N ASP B 58 -9.44 3.45 -21.33
CA ASP B 58 -7.99 3.44 -21.16
C ASP B 58 -7.52 4.90 -21.22
N LEU B 59 -6.21 5.07 -21.28
CA LEU B 59 -5.60 6.34 -20.91
C LEU B 59 -5.38 7.26 -22.12
N MET B 60 -5.41 6.68 -23.31
CA MET B 60 -5.23 7.40 -24.58
C MET B 60 -6.51 7.48 -25.39
N HIS B 61 -6.50 8.33 -26.42
CA HIS B 61 -7.55 8.32 -27.45
C HIS B 61 -7.25 7.21 -28.44
N THR B 62 -8.29 6.62 -29.03
CA THR B 62 -8.12 5.56 -30.03
C THR B 62 -9.21 5.71 -31.07
N GLU B 63 -9.12 4.90 -32.13
CA GLU B 63 -10.06 4.91 -33.25
C GLU B 63 -11.29 4.10 -32.90
N HAR B 64 -11.18 3.23 -31.92
CA HAR B 64 -12.17 2.14 -31.81
C HAR B 64 -13.48 2.53 -31.24
O HAR B 64 -13.60 3.54 -30.54
CB HAR B 64 -11.59 0.86 -31.22
CG HAR B 64 -11.02 0.98 -29.83
CD HAR B 64 -9.54 0.67 -29.97
NE HAR B 64 -9.14 -0.48 -29.20
CZ HAR B 64 -7.87 -0.72 -28.98
NH1 HAR B 64 -7.48 -1.79 -28.25
NH2 HAR B 64 -7.01 0.09 -29.47
OH1 HAR B 64 -6.11 -2.00 -28.08
N GLU B 65 -14.50 1.77 -31.60
CA GLU B 65 -15.85 2.05 -31.14
C GLU B 65 -16.01 1.39 -29.78
N ASP B 66 -17.06 1.81 -29.08
CA ASP B 66 -17.32 1.39 -27.70
C ASP B 66 -16.08 1.58 -26.83
N TYR B 67 -15.43 2.71 -27.02
CA TYR B 67 -14.21 3.04 -26.34
C TYR B 67 -14.35 4.43 -25.74
N MET B 68 -13.80 4.63 -24.56
CA MET B 68 -13.76 5.97 -24.00
C MET B 68 -12.42 6.17 -23.29
N ARG B 69 -11.81 7.33 -23.51
CA ARG B 69 -10.62 7.67 -22.75
C ARG B 69 -11.08 8.10 -21.35
N ALA B 70 -10.47 7.53 -20.31
CA ALA B 70 -10.63 8.02 -18.95
C ALA B 70 -9.36 7.73 -18.20
N ASP B 71 -8.72 8.76 -17.68
CA ASP B 71 -7.62 8.59 -16.76
C ASP B 71 -8.22 8.23 -15.41
N VAL B 72 -8.05 6.99 -14.97
CA VAL B 72 -8.68 6.56 -13.70
C VAL B 72 -8.12 7.27 -12.47
N ARG B 73 -7.03 8.01 -12.63
CA ARG B 73 -6.47 8.84 -11.57
C ARG B 73 -7.38 10.00 -11.26
N GLU B 74 -8.18 10.40 -12.26
CA GLU B 74 -8.93 11.64 -12.17
C GLU B 74 -10.38 11.35 -11.88
N TYR B 75 -10.81 11.69 -10.67
CA TYR B 75 -12.14 11.30 -10.20
C TYR B 75 -13.23 11.76 -11.16
N ARG B 76 -13.08 12.98 -11.68
CA ARG B 76 -14.09 13.54 -12.58
C ARG B 76 -14.26 12.68 -13.85
N GLN B 77 -13.15 12.22 -14.40
CA GLN B 77 -13.15 11.37 -15.58
C GLN B 77 -13.74 9.99 -15.29
N VAL B 78 -13.46 9.47 -14.11
CA VAL B 78 -14.04 8.19 -13.68
C VAL B 78 -15.58 8.31 -13.54
N GLU B 79 -16.02 9.34 -12.83
CA GLU B 79 -17.44 9.63 -12.65
C GLU B 79 -18.16 9.77 -14.02
N ARG B 80 -17.50 10.43 -14.96
CA ARG B 80 -17.98 10.57 -16.32
C ARG B 80 -18.30 9.21 -16.97
N ILE B 81 -17.44 8.20 -16.80
CA ILE B 81 -17.71 6.84 -17.28
C ILE B 81 -19.07 6.41 -16.79
N PHE B 82 -19.31 6.55 -15.49
CA PHE B 82 -20.53 6.03 -14.87
C PHE B 82 -21.74 6.93 -15.04
N GLU B 83 -21.51 8.16 -15.45
CA GLU B 83 -22.61 9.03 -15.84
C GLU B 83 -23.12 8.65 -17.23
N GLU B 84 -22.22 8.29 -18.14
CA GLU B 84 -22.59 7.94 -19.52
C GLU B 84 -23.28 6.58 -19.62
N ASP B 85 -22.86 5.59 -18.80
CA ASP B 85 -23.34 4.21 -18.96
C ASP B 85 -23.62 3.47 -17.66
N LYS B 86 -24.55 2.51 -17.73
CA LYS B 86 -24.78 1.62 -16.61
C LYS B 86 -24.07 0.29 -16.83
N PHE B 87 -23.45 -0.21 -15.78
CA PHE B 87 -22.69 -1.45 -15.89
C PHE B 87 -23.12 -2.51 -14.92
N ASP B 88 -23.25 -3.74 -15.40
CA ASP B 88 -23.41 -4.88 -14.48
C ASP B 88 -22.11 -5.31 -13.83
N TYR B 89 -21.03 -5.38 -14.63
CA TYR B 89 -19.70 -5.83 -14.21
C TYR B 89 -18.64 -4.87 -14.70
N VAL B 90 -17.62 -4.68 -13.86
CA VAL B 90 -16.50 -3.84 -14.17
C VAL B 90 -15.28 -4.71 -13.93
N TYR B 91 -14.50 -4.91 -14.99
CA TYR B 91 -13.17 -5.48 -14.87
C TYR B 91 -12.21 -4.29 -14.75
N HIS B 92 -11.53 -4.21 -13.61
CA HIS B 92 -10.62 -3.12 -13.38
C HIS B 92 -9.15 -3.53 -13.58
N LEU B 93 -8.64 -3.28 -14.80
CA LEU B 93 -7.26 -3.63 -15.14
C LEU B 93 -6.39 -2.42 -15.28
N ALA B 94 -6.99 -1.21 -15.35
CA ALA B 94 -6.22 0.02 -15.52
C ALA B 94 -5.12 0.03 -14.48
N ALA B 95 -3.88 0.02 -14.94
CA ALA B 95 -2.74 -0.03 -14.04
C ALA B 95 -1.46 0.32 -14.74
N GLU B 96 -0.50 0.79 -13.96
CA GLU B 96 0.88 0.79 -14.37
C GLU B 96 1.40 -0.62 -14.05
N TYR B 97 1.71 -1.35 -15.12
CA TYR B 97 2.07 -2.75 -15.02
C TYR B 97 3.59 -2.94 -14.93
N GLY B 98 4.04 -3.80 -14.01
CA GLY B 98 5.42 -4.28 -14.06
C GLY B 98 6.27 -3.73 -12.93
N ARG B 99 7.18 -4.56 -12.46
CA ARG B 99 7.98 -4.19 -11.31
C ARG B 99 9.02 -3.12 -11.64
N TRP B 100 9.73 -3.26 -12.77
CA TRP B 100 10.69 -2.25 -13.18
C TRP B 100 10.00 -0.97 -13.58
N ASN B 101 8.87 -1.09 -14.24
CA ASN B 101 8.09 0.11 -14.56
C ASN B 101 7.70 0.86 -13.28
N GLY B 102 7.27 0.12 -12.27
CA GLY B 102 6.82 0.70 -11.02
C GLY B 102 7.93 1.45 -10.31
N GLU B 103 9.16 0.94 -10.38
CA GLU B 103 10.33 1.63 -9.80
C GLU B 103 10.68 2.92 -10.58
N ASP B 104 10.62 2.85 -11.90
CA ASP B 104 11.03 3.99 -12.74
C ASP B 104 9.93 5.03 -12.95
N TYR B 105 8.69 4.65 -12.68
CA TYR B 105 7.53 5.55 -12.91
C TYR B 105 6.58 5.49 -11.71
N TYR B 106 7.16 5.56 -10.51
CA TYR B 106 6.38 5.29 -9.30
C TYR B 106 5.26 6.28 -9.03
N GLU B 107 5.43 7.54 -9.49
CA GLU B 107 4.42 8.55 -9.27
C GLU B 107 3.13 8.13 -10.01
N ASN B 108 3.29 7.76 -11.29
CA ASN B 108 2.17 7.25 -12.10
C ASN B 108 1.62 5.98 -11.49
N LEU B 109 2.53 5.10 -11.07
CA LEU B 109 2.19 3.85 -10.44
C LEU B 109 1.21 4.02 -9.27
N TRP B 110 1.58 4.83 -8.27
CA TRP B 110 0.76 4.95 -7.08
C TRP B 110 -0.54 5.68 -7.38
N LYS B 111 -0.44 6.74 -8.18
CA LYS B 111 -1.66 7.50 -8.52
C LYS B 111 -2.65 6.64 -9.28
N THR B 112 -2.19 5.91 -10.28
CA THR B 112 -3.10 5.04 -11.04
C THR B 112 -3.57 3.81 -10.25
N ASN B 113 -2.61 3.03 -9.77
CA ASN B 113 -2.94 1.71 -9.25
C ASN B 113 -3.75 1.81 -7.98
N VAL B 114 -3.45 2.83 -7.16
CA VAL B 114 -4.09 2.95 -5.85
C VAL B 114 -5.17 4.03 -5.83
N ILE B 115 -4.84 5.27 -6.16
CA ILE B 115 -5.91 6.30 -6.14
C ILE B 115 -7.00 5.96 -7.18
N GLY B 116 -6.60 5.51 -8.37
CA GLY B 116 -7.57 5.06 -9.38
C GLY B 116 -8.48 3.96 -8.88
N THR B 117 -7.91 2.98 -8.18
CA THR B 117 -8.70 1.91 -7.61
C THR B 117 -9.66 2.45 -6.54
N LYS B 118 -9.20 3.42 -5.74
CA LYS B 118 -10.07 4.01 -4.75
C LYS B 118 -11.25 4.76 -5.41
N HIS B 119 -11.00 5.45 -6.52
CA HIS B 119 -12.07 6.13 -7.28
C HIS B 119 -13.08 5.07 -7.74
N MET B 120 -12.56 3.96 -8.28
CA MET B 120 -13.41 2.90 -8.76
C MET B 120 -14.21 2.30 -7.61
N LEU B 121 -13.58 2.12 -6.45
CA LEU B 121 -14.31 1.63 -5.27
C LEU B 121 -15.40 2.61 -4.83
N ARG B 122 -15.12 3.91 -4.88
CA ARG B 122 -16.12 4.94 -4.53
C ARG B 122 -17.32 4.87 -5.47
N MET B 123 -17.05 4.68 -6.76
CA MET B 123 -18.12 4.43 -7.75
C MET B 123 -18.90 3.17 -7.40
N GLN B 124 -18.18 2.11 -7.06
CA GLN B 124 -18.81 0.83 -6.71
C GLN B 124 -19.71 0.95 -5.48
N GLU B 125 -19.23 1.68 -4.47
CA GLU B 125 -20.01 1.94 -3.26
C GLU B 125 -21.30 2.72 -3.54
N LYS B 126 -21.22 3.65 -4.49
CA LYS B 126 -22.35 4.44 -4.92
C LYS B 126 -23.33 3.62 -5.80
N LEU B 127 -22.80 2.84 -6.75
CA LEU B 127 -23.64 2.26 -7.82
C LEU B 127 -23.95 0.78 -7.72
N GLY B 128 -23.14 0.04 -6.98
CA GLY B 128 -23.41 -1.35 -6.70
C GLY B 128 -23.09 -2.33 -7.83
N PHE B 129 -22.25 -1.95 -8.79
CA PHE B 129 -21.81 -2.90 -9.80
C PHE B 129 -20.92 -3.97 -9.15
N ARG B 130 -20.78 -5.09 -9.84
CA ARG B 130 -19.82 -6.11 -9.41
C ARG B 130 -18.49 -5.85 -10.08
N MET B 131 -17.41 -6.00 -9.34
CA MET B 131 -16.08 -5.69 -9.88
C MET B 131 -15.15 -6.89 -9.88
N ILE B 132 -14.37 -7.03 -10.94
CA ILE B 132 -13.27 -7.95 -10.96
C ILE B 132 -12.02 -7.07 -10.85
N PHE B 133 -11.33 -7.22 -9.72
CA PHE B 133 -10.14 -6.42 -9.48
C PHE B 133 -8.90 -7.17 -9.90
N PHE B 134 -8.06 -6.54 -10.73
CA PHE B 134 -6.79 -7.17 -11.14
C PHE B 134 -5.66 -6.81 -10.18
N SER B 135 -5.29 -7.83 -9.41
CA SER B 135 -4.16 -7.79 -8.52
C SER B 135 -2.96 -8.36 -9.31
N SER B 136 -2.11 -9.15 -8.66
CA SER B 136 -0.91 -9.70 -9.28
C SER B 136 -0.38 -10.82 -8.38
N ALA B 137 0.19 -11.86 -8.97
CA ALA B 137 0.87 -12.89 -8.16
C ALA B 137 2.16 -12.34 -7.54
N GLU B 138 2.52 -11.09 -7.89
CA GLU B 138 3.59 -10.41 -7.17
C GLU B 138 3.21 -10.10 -5.73
N VAL B 139 1.91 -10.18 -5.41
CA VAL B 139 1.47 -9.96 -4.02
C VAL B 139 2.06 -11.02 -3.07
N TYR B 140 2.43 -12.17 -3.63
CA TYR B 140 3.01 -13.25 -2.83
C TYR B 140 4.48 -13.02 -2.50
N GLY B 141 5.07 -11.94 -3.02
CA GLY B 141 6.47 -11.58 -2.71
C GLY B 141 7.42 -12.70 -3.11
N ASP B 142 8.37 -13.01 -2.24
CA ASP B 142 9.35 -14.05 -2.54
C ASP B 142 9.02 -15.39 -1.85
N TYR B 143 7.73 -15.62 -1.57
CA TYR B 143 7.29 -16.88 -0.99
C TYR B 143 7.77 -18.04 -1.87
N SER B 144 8.27 -19.08 -1.23
CA SER B 144 8.93 -20.14 -1.94
C SER B 144 8.12 -21.41 -1.83
N GLY B 145 6.96 -21.35 -1.16
CA GLY B 145 6.03 -22.44 -1.18
C GLY B 145 5.01 -22.32 -2.30
N LEU B 146 4.03 -23.22 -2.29
CA LEU B 146 3.01 -23.22 -3.30
C LEU B 146 2.13 -22.00 -3.14
N MET B 147 2.09 -21.16 -4.18
CA MET B 147 1.29 -19.94 -4.12
C MET B 147 -0.20 -20.18 -4.31
N SER B 148 -0.83 -20.72 -3.27
N SER B 148 -0.84 -20.71 -3.28
CA SER B 148 -2.28 -20.86 -3.18
CA SER B 148 -2.28 -20.87 -3.22
C SER B 148 -2.82 -19.54 -2.68
C SER B 148 -2.81 -19.55 -2.71
N GLU B 149 -4.08 -19.23 -2.99
CA GLU B 149 -4.64 -17.90 -2.67
C GLU B 149 -4.61 -17.64 -1.18
N ASP B 150 -4.79 -18.71 -0.39
CA ASP B 150 -4.82 -18.64 1.06
C ASP B 150 -3.48 -18.27 1.72
N VAL B 151 -2.40 -18.27 0.93
CA VAL B 151 -1.11 -17.74 1.41
C VAL B 151 -1.26 -16.28 1.88
N MET B 152 -2.17 -15.54 1.25
CA MET B 152 -2.45 -14.14 1.60
C MET B 152 -3.52 -14.02 2.68
N VAL B 153 -3.81 -15.15 3.34
CA VAL B 153 -4.73 -15.21 4.47
C VAL B 153 -4.01 -15.87 5.66
N LYS B 154 -3.60 -17.12 5.52
CA LYS B 154 -3.15 -17.88 6.70
C LYS B 154 -1.65 -17.89 6.98
N ASN B 155 -0.84 -17.59 5.95
CA ASN B 155 0.62 -17.60 6.09
C ASN B 155 1.10 -16.41 6.92
N PRO B 156 2.21 -16.60 7.70
CA PRO B 156 2.87 -15.52 8.43
C PRO B 156 3.09 -14.38 7.46
N ILE B 157 2.84 -13.15 7.91
CA ILE B 157 2.86 -12.00 7.00
C ILE B 157 4.23 -11.82 6.33
N SER B 158 5.31 -12.19 7.02
CA SER B 158 6.65 -12.05 6.44
C SER B 158 6.90 -12.95 5.23
N ASP B 159 6.08 -13.99 5.02
CA ASP B 159 6.18 -14.89 3.84
C ASP B 159 6.06 -14.13 2.51
N THR B 160 5.26 -13.07 2.52
CA THR B 160 4.84 -12.43 1.30
C THR B 160 5.13 -10.92 1.21
N TYR B 161 5.92 -10.37 2.16
CA TYR B 161 6.33 -8.95 2.08
C TYR B 161 6.60 -8.60 0.61
N GLN B 162 5.86 -7.65 0.10
CA GLN B 162 5.91 -7.35 -1.34
C GLN B 162 7.24 -6.68 -1.67
N MET B 163 7.85 -7.06 -2.79
CA MET B 163 9.26 -6.79 -3.06
C MET B 163 9.55 -5.48 -3.81
N ASN B 164 8.49 -4.83 -4.29
CA ASN B 164 8.65 -3.63 -5.11
C ASN B 164 7.36 -2.85 -4.97
N ASP B 165 7.36 -1.60 -5.39
CA ASP B 165 6.18 -0.76 -5.24
C ASP B 165 5.02 -1.31 -6.02
N TYR B 166 5.28 -1.79 -7.23
CA TYR B 166 4.21 -2.34 -8.05
C TYR B 166 3.42 -3.41 -7.28
N ALA B 167 4.15 -4.34 -6.69
CA ALA B 167 3.56 -5.43 -5.92
C ALA B 167 2.77 -4.93 -4.72
N ILE B 168 3.30 -3.91 -4.03
CA ILE B 168 2.60 -3.29 -2.89
C ILE B 168 1.27 -2.65 -3.34
N THR B 169 1.25 -1.95 -4.48
CA THR B 169 -0.01 -1.32 -4.97
C THR B 169 -1.12 -2.36 -5.18
N LYS B 170 -0.74 -3.54 -5.64
CA LYS B 170 -1.69 -4.58 -5.93
C LYS B 170 -2.22 -5.15 -4.61
N TRP B 171 -1.32 -5.35 -3.64
CA TRP B 171 -1.76 -5.82 -2.32
C TRP B 171 -2.64 -4.77 -1.62
N ALA B 172 -2.24 -3.49 -1.72
CA ALA B 172 -3.05 -2.37 -1.19
C ALA B 172 -4.43 -2.37 -1.83
N GLY B 173 -4.49 -2.55 -3.16
CA GLY B 173 -5.76 -2.71 -3.88
C GLY B 173 -6.65 -3.82 -3.35
N GLU B 174 -6.04 -4.96 -3.07
CA GLU B 174 -6.79 -6.11 -2.48
C GLU B 174 -7.38 -5.76 -1.12
N LEU B 175 -6.56 -5.12 -0.27
CA LEU B 175 -7.00 -4.69 1.06
C LEU B 175 -8.15 -3.69 0.94
N MET B 176 -8.01 -2.73 0.02
CA MET B 176 -9.05 -1.74 -0.20
C MET B 176 -10.37 -2.37 -0.70
N CYS B 177 -10.27 -3.37 -1.59
CA CYS B 177 -11.46 -4.13 -2.00
C CYS B 177 -12.15 -4.82 -0.81
N MET B 178 -11.35 -5.43 0.06
CA MET B 178 -11.91 -6.16 1.22
C MET B 178 -12.51 -5.21 2.22
N ASN B 179 -11.85 -4.07 2.47
CA ASN B 179 -12.40 -3.03 3.36
C ASN B 179 -13.71 -2.44 2.81
N SER B 180 -13.77 -2.27 1.48
CA SER B 180 -14.99 -1.78 0.84
C SER B 180 -16.16 -2.77 0.97
N ALA B 181 -15.89 -4.03 0.69
CA ALA B 181 -16.88 -5.10 0.86
C ALA B 181 -17.38 -5.11 2.32
N GLU B 182 -16.45 -5.04 3.24
CA GLU B 182 -16.77 -5.09 4.65
C GLU B 182 -17.61 -3.88 5.10
N MET B 183 -17.27 -2.69 4.61
CA MET B 183 -17.93 -1.47 5.06
C MET B 183 -19.24 -1.18 4.32
N PHE B 184 -19.33 -1.54 3.04
CA PHE B 184 -20.45 -1.13 2.20
C PHE B 184 -21.15 -2.32 1.53
N GLY B 185 -20.60 -3.52 1.69
CA GLY B 185 -21.18 -4.70 1.09
C GLY B 185 -20.97 -4.75 -0.41
N THR B 186 -19.97 -4.01 -0.93
CA THR B 186 -19.65 -4.08 -2.35
C THR B 186 -19.24 -5.52 -2.73
N GLU B 187 -19.51 -5.88 -3.99
CA GLU B 187 -19.28 -7.23 -4.49
C GLU B 187 -18.13 -7.28 -5.49
N THR B 188 -17.04 -7.93 -5.05
CA THR B 188 -15.78 -7.94 -5.77
C THR B 188 -15.13 -9.30 -5.74
N VAL B 189 -14.61 -9.67 -6.93
CA VAL B 189 -13.76 -10.82 -7.07
C VAL B 189 -12.40 -10.26 -7.43
N ARG B 190 -11.37 -10.73 -6.73
CA ARG B 190 -10.00 -10.37 -7.05
C ARG B 190 -9.38 -11.48 -7.87
N VAL B 191 -8.57 -11.10 -8.86
CA VAL B 191 -7.76 -12.07 -9.57
C VAL B 191 -6.31 -11.76 -9.43
N ARG B 192 -5.49 -12.81 -9.43
CA ARG B 192 -4.04 -12.66 -9.41
C ARG B 192 -3.52 -13.32 -10.67
N PRO B 193 -3.38 -12.53 -11.76
CA PRO B 193 -2.75 -13.00 -12.97
C PRO B 193 -1.28 -13.31 -12.64
N VAL B 194 -0.64 -14.10 -13.48
CA VAL B 194 0.64 -14.71 -13.09
C VAL B 194 1.76 -14.22 -14.01
N ASN B 195 1.86 -14.81 -15.20
CA ASN B 195 2.94 -14.48 -16.12
C ASN B 195 2.32 -14.64 -17.52
N CYS B 196 1.41 -13.72 -17.83
CA CYS B 196 0.61 -13.81 -19.05
C CYS B 196 1.41 -13.32 -20.23
N TYR B 197 1.29 -14.02 -21.37
CA TYR B 197 2.05 -13.66 -22.59
C TYR B 197 1.21 -14.09 -23.79
N GLY B 198 1.58 -13.66 -24.98
CA GLY B 198 0.87 -14.08 -26.17
C GLY B 198 0.78 -13.03 -27.25
N PRO B 199 0.21 -13.41 -28.41
CA PRO B 199 -0.02 -12.48 -29.52
C PRO B 199 -0.75 -11.25 -29.03
N HIS B 200 -0.39 -10.10 -29.62
CA HIS B 200 -0.98 -8.78 -29.32
C HIS B 200 -0.29 -8.06 -28.16
N GLU B 201 0.60 -8.73 -27.42
CA GLU B 201 1.40 -8.04 -26.43
C GLU B 201 2.58 -7.38 -27.14
N LYS B 202 2.59 -6.05 -27.15
CA LYS B 202 3.68 -5.28 -27.74
C LYS B 202 4.95 -5.46 -26.93
N TYR B 203 6.10 -5.42 -27.60
CA TYR B 203 7.36 -5.38 -26.88
C TYR B 203 7.63 -3.98 -26.32
N SER B 204 8.12 -3.94 -25.09
CA SER B 204 8.92 -2.82 -24.59
C SER B 204 9.92 -3.40 -23.60
N PRO B 205 10.99 -2.64 -23.25
CA PRO B 205 11.92 -3.14 -22.23
C PRO B 205 11.28 -3.27 -20.83
N TYR B 206 10.08 -2.71 -20.67
CA TYR B 206 9.36 -2.81 -19.40
C TYR B 206 8.31 -3.91 -19.35
N LYS B 207 8.24 -4.72 -20.41
CA LYS B 207 7.32 -5.88 -20.42
C LYS B 207 7.96 -7.04 -19.67
N GLY B 208 7.20 -8.13 -19.54
CA GLY B 208 7.65 -9.37 -18.95
C GLY B 208 8.73 -10.05 -19.78
N PHE B 209 9.31 -11.10 -19.21
CA PHE B 209 10.46 -11.77 -19.84
C PHE B 209 10.18 -12.40 -21.20
N ILE B 210 8.98 -12.98 -21.38
CA ILE B 210 8.68 -13.67 -22.64
C ILE B 210 8.73 -12.73 -23.87
N PRO B 211 7.98 -11.60 -23.86
CA PRO B 211 8.10 -10.70 -24.99
C PRO B 211 9.49 -10.06 -25.14
N ILE B 212 10.22 -9.88 -24.05
CA ILE B 212 11.62 -9.40 -24.12
C ILE B 212 12.50 -10.42 -24.87
N PHE B 213 12.40 -11.68 -24.46
CA PHE B 213 13.15 -12.77 -25.10
C PHE B 213 12.79 -12.88 -26.56
N ILE B 214 11.49 -12.87 -26.87
CA ILE B 214 11.08 -13.06 -28.26
C ILE B 214 11.54 -11.93 -29.16
N TYR B 215 11.30 -10.69 -28.74
CA TYR B 215 11.70 -9.53 -29.52
C TYR B 215 13.20 -9.50 -29.78
N HIS B 216 14.00 -9.75 -28.73
CA HIS B 216 15.47 -9.79 -28.83
C HIS B 216 15.95 -10.92 -29.74
N ALA B 217 15.43 -12.13 -29.51
CA ALA B 217 15.76 -13.28 -30.35
C ALA B 217 15.45 -13.03 -31.83
N LEU B 218 14.25 -12.54 -32.12
CA LEU B 218 13.83 -12.22 -33.48
C LEU B 218 14.77 -11.26 -34.21
N HIS B 219 15.32 -10.31 -33.45
CA HIS B 219 16.22 -9.29 -33.96
C HIS B 219 17.66 -9.68 -33.73
N ARG B 220 17.90 -10.94 -33.35
CA ARG B 220 19.24 -11.45 -33.06
C ARG B 220 20.05 -10.53 -32.12
N LYS B 221 19.33 -9.84 -31.24
CA LYS B 221 19.88 -8.87 -30.30
C LYS B 221 20.13 -9.54 -28.96
N PRO B 222 21.27 -9.24 -28.29
CA PRO B 222 21.57 -9.93 -27.04
C PRO B 222 20.57 -9.63 -25.93
N TYR B 223 20.42 -10.58 -25.03
CA TYR B 223 19.56 -10.42 -23.86
C TYR B 223 20.11 -11.26 -22.72
N THR B 224 19.64 -10.99 -21.51
CA THR B 224 20.10 -11.70 -20.32
C THR B 224 19.08 -12.74 -19.85
N VAL B 225 19.59 -13.91 -19.47
CA VAL B 225 18.78 -14.93 -18.79
C VAL B 225 19.27 -15.07 -17.36
N TYR B 226 18.38 -14.80 -16.39
CA TYR B 226 18.66 -15.01 -14.97
C TYR B 226 18.23 -16.41 -14.63
N LYS B 227 19.20 -17.28 -14.39
CA LYS B 227 18.96 -18.71 -14.32
C LYS B 227 18.14 -19.19 -13.13
N GLY B 228 18.44 -18.65 -11.94
CA GLY B 228 17.94 -19.23 -10.67
C GLY B 228 16.49 -18.87 -10.35
N HIS B 229 15.59 -19.01 -11.32
CA HIS B 229 14.19 -18.63 -11.12
C HIS B 229 13.31 -19.59 -11.85
N LYS B 230 12.09 -19.79 -11.32
CA LYS B 230 11.10 -20.72 -11.91
C LYS B 230 9.81 -19.98 -12.09
N ARG B 231 9.19 -20.20 -13.25
CA ARG B 231 7.94 -19.52 -13.58
C ARG B 231 7.02 -20.49 -14.30
N ILE B 232 5.72 -20.19 -14.21
CA ILE B 232 4.67 -20.83 -15.03
C ILE B 232 4.12 -19.74 -15.94
N ILE B 233 4.33 -19.85 -17.24
CA ILE B 233 3.73 -18.82 -18.13
C ILE B 233 2.35 -19.24 -18.61
N ASP B 234 1.45 -18.27 -18.73
CA ASP B 234 0.09 -18.55 -19.18
C ASP B 234 -0.25 -17.79 -20.47
N TYR B 235 -0.77 -18.53 -21.43
CA TYR B 235 -1.15 -18.01 -22.74
C TYR B 235 -2.40 -17.15 -22.61
N VAL B 236 -2.33 -15.94 -23.16
CA VAL B 236 -3.42 -14.94 -23.01
C VAL B 236 -4.84 -15.45 -23.33
N GLU B 237 -4.99 -16.18 -24.45
N GLU B 237 -4.99 -16.19 -24.43
CA GLU B 237 -6.28 -16.75 -24.86
CA GLU B 237 -6.28 -16.75 -24.86
C GLU B 237 -6.86 -17.65 -23.75
C GLU B 237 -6.85 -17.73 -23.82
N ASP B 238 -5.99 -18.43 -23.10
CA ASP B 238 -6.43 -19.29 -22.00
C ASP B 238 -6.84 -18.46 -20.77
N SER B 239 -5.99 -17.49 -20.42
CA SER B 239 -6.21 -16.76 -19.17
C SER B 239 -7.46 -15.91 -19.31
N VAL B 240 -7.62 -15.32 -20.49
CA VAL B 240 -8.75 -14.49 -20.81
C VAL B 240 -10.08 -15.28 -20.78
N ARG B 241 -10.04 -16.52 -21.25
CA ARG B 241 -11.24 -17.37 -21.19
C ARG B 241 -11.68 -17.50 -19.73
N THR B 242 -10.73 -17.75 -18.84
CA THR B 242 -11.05 -17.92 -17.42
C THR B 242 -11.49 -16.57 -16.82
N PHE B 243 -10.85 -15.46 -17.20
CA PHE B 243 -11.28 -14.14 -16.69
C PHE B 243 -12.74 -13.86 -17.07
N ALA B 244 -13.03 -14.11 -18.35
CA ALA B 244 -14.36 -13.95 -18.91
C ALA B 244 -15.41 -14.84 -18.21
N ASN B 245 -14.97 -16.02 -17.74
CA ASN B 245 -15.82 -16.96 -17.01
C ASN B 245 -16.27 -16.43 -15.64
N ILE B 246 -15.55 -15.44 -15.09
CA ILE B 246 -15.94 -14.90 -13.78
C ILE B 246 -17.36 -14.33 -13.79
N VAL B 247 -17.75 -13.72 -14.90
CA VAL B 247 -19.11 -13.18 -15.08
C VAL B 247 -20.22 -14.25 -14.89
N ASP B 248 -19.91 -15.48 -15.34
CA ASP B 248 -20.86 -16.62 -15.27
C ASP B 248 -20.88 -17.29 -13.89
N ASN B 249 -19.86 -17.05 -13.07
CA ASN B 249 -19.86 -17.60 -11.72
C ASN B 249 -19.16 -16.68 -10.73
N PHE B 250 -19.76 -15.52 -10.52
CA PHE B 250 -19.18 -14.47 -9.71
C PHE B 250 -19.51 -14.68 -8.24
N ILE B 251 -18.47 -14.95 -7.43
CA ILE B 251 -18.68 -15.20 -6.00
C ILE B 251 -18.09 -14.03 -5.23
N PRO B 252 -18.96 -13.12 -4.73
CA PRO B 252 -18.46 -11.91 -4.05
C PRO B 252 -17.48 -12.25 -2.92
N GLY B 253 -16.37 -11.53 -2.84
CA GLY B 253 -15.36 -11.78 -1.80
C GLY B 253 -14.27 -12.78 -2.21
N GLU B 254 -14.47 -13.51 -3.31
CA GLU B 254 -13.48 -14.48 -3.73
C GLU B 254 -12.20 -13.89 -4.39
N VAL B 255 -11.15 -14.71 -4.39
CA VAL B 255 -9.89 -14.39 -5.05
C VAL B 255 -9.30 -15.62 -5.76
N TYR B 256 -8.84 -15.42 -6.99
CA TYR B 256 -8.34 -16.48 -7.84
C TYR B 256 -7.02 -16.17 -8.47
N ASN B 257 -6.05 -17.08 -8.30
CA ASN B 257 -4.94 -17.14 -9.24
C ASN B 257 -5.48 -17.56 -10.59
N VAL B 258 -5.04 -16.89 -11.65
CA VAL B 258 -5.42 -17.28 -12.99
C VAL B 258 -4.14 -17.31 -13.76
N GLY B 259 -3.81 -18.49 -14.29
CA GLY B 259 -2.54 -18.71 -14.97
C GLY B 259 -2.57 -20.01 -15.72
N GLY B 260 -1.41 -20.66 -15.84
CA GLY B 260 -1.28 -21.90 -16.60
C GLY B 260 -1.69 -23.12 -15.78
N ARG B 261 -0.75 -24.04 -15.65
CA ARG B 261 -0.91 -25.24 -14.88
C ARG B 261 0.27 -25.40 -13.93
N THR B 262 0.02 -25.92 -12.74
CA THR B 262 1.07 -26.16 -11.73
C THR B 262 2.27 -26.91 -12.33
N GLU B 263 1.98 -27.93 -13.13
CA GLU B 263 3.04 -28.75 -13.71
C GLU B 263 3.81 -28.13 -14.91
N TRP B 264 3.36 -26.97 -15.42
CA TRP B 264 4.06 -26.19 -16.49
C TRP B 264 5.18 -25.27 -16.00
N GLU B 265 5.68 -25.52 -14.81
CA GLU B 265 6.81 -24.80 -14.29
C GLU B 265 8.07 -25.14 -15.10
N HIS B 266 8.84 -24.11 -15.45
CA HIS B 266 10.14 -24.24 -16.08
C HIS B 266 11.08 -23.19 -15.50
N ASP B 267 12.38 -23.43 -15.55
CA ASP B 267 13.29 -22.36 -15.22
C ASP B 267 13.47 -21.43 -16.44
N ILE B 268 14.15 -20.31 -16.21
CA ILE B 268 14.18 -19.24 -17.22
C ILE B 268 14.96 -19.65 -18.45
N LYS B 269 16.05 -20.40 -18.27
CA LYS B 269 16.81 -20.91 -19.43
C LYS B 269 15.92 -21.79 -20.33
N GLU B 270 15.09 -22.62 -19.71
CA GLU B 270 14.18 -23.47 -20.44
C GLU B 270 13.23 -22.63 -21.28
N TYR B 271 12.74 -21.51 -20.74
CA TYR B 271 11.88 -20.62 -21.51
C TYR B 271 12.67 -19.93 -22.64
N SER B 272 13.84 -19.42 -22.29
CA SER B 272 14.73 -18.86 -23.31
C SER B 272 14.98 -19.86 -24.48
N ASP B 273 15.29 -21.11 -24.13
CA ASP B 273 15.61 -22.14 -25.13
C ASP B 273 14.41 -22.41 -26.02
N MET B 274 13.21 -22.40 -25.43
CA MET B 274 11.96 -22.48 -26.20
C MET B 274 11.82 -21.34 -27.20
N VAL B 275 12.14 -20.12 -26.77
CA VAL B 275 12.08 -18.95 -27.65
C VAL B 275 13.09 -19.15 -28.80
N LEU B 276 14.35 -19.47 -28.45
CA LEU B 276 15.43 -19.62 -29.42
C LEU B 276 15.12 -20.71 -30.45
N GLU B 277 14.59 -21.83 -29.96
CA GLU B 277 14.13 -22.94 -30.80
C GLU B 277 13.07 -22.47 -31.79
N ALA B 278 12.07 -21.72 -31.30
CA ALA B 278 10.99 -21.23 -32.13
C ALA B 278 11.46 -20.21 -33.18
N VAL B 279 12.46 -19.39 -32.80
CA VAL B 279 13.09 -18.45 -33.74
C VAL B 279 14.03 -19.20 -34.68
N GLY B 280 14.64 -20.27 -34.19
CA GLY B 280 15.52 -21.12 -34.98
C GLY B 280 16.99 -20.74 -34.89
N ILE B 281 17.40 -20.19 -33.75
CA ILE B 281 18.78 -19.77 -33.54
C ILE B 281 19.31 -20.37 -32.25
N ASP B 282 20.63 -20.41 -32.07
CA ASP B 282 21.19 -20.93 -30.83
C ASP B 282 21.27 -19.84 -29.77
N ASP B 283 21.84 -20.16 -28.61
CA ASP B 283 21.88 -19.22 -27.50
C ASP B 283 23.10 -18.28 -27.47
N SER B 284 23.78 -18.11 -28.59
CA SER B 284 25.02 -17.33 -28.62
C SER B 284 24.80 -15.87 -28.23
N ILE B 285 23.61 -15.33 -28.55
CA ILE B 285 23.20 -13.96 -28.10
C ILE B 285 22.89 -13.82 -26.59
N VAL B 286 22.88 -14.93 -25.84
CA VAL B 286 22.41 -14.89 -24.44
C VAL B 286 23.53 -14.71 -23.43
N THR B 287 23.39 -13.74 -22.53
CA THR B 287 24.24 -13.66 -21.33
C THR B 287 23.49 -14.31 -20.17
N TYR B 288 24.12 -15.30 -19.54
CA TYR B 288 23.56 -16.00 -18.39
C TYR B 288 24.08 -15.37 -17.10
N ARG B 289 23.18 -15.04 -16.20
CA ARG B 289 23.55 -14.64 -14.85
C ARG B 289 22.88 -15.63 -13.91
N GLU B 290 23.37 -15.66 -12.67
CA GLU B 290 22.88 -16.65 -11.70
C GLU B 290 21.45 -16.41 -11.26
N SER B 291 21.16 -15.18 -10.85
CA SER B 291 19.93 -14.78 -10.18
C SER B 291 19.72 -13.34 -10.46
N GLU B 292 18.46 -12.93 -10.60
CA GLU B 292 18.14 -11.53 -10.58
C GLU B 292 17.89 -11.13 -9.12
N PRO B 293 18.59 -10.08 -8.64
CA PRO B 293 18.34 -9.63 -7.27
C PRO B 293 16.93 -9.10 -7.15
N PHE B 294 16.33 -9.29 -5.98
CA PHE B 294 15.07 -8.63 -5.63
C PHE B 294 13.92 -9.15 -6.49
N THR B 295 14.05 -10.39 -6.95
CA THR B 295 13.13 -10.99 -7.90
C THR B 295 12.67 -12.28 -7.29
N THR B 296 11.38 -12.55 -7.38
CA THR B 296 10.82 -13.80 -6.88
C THR B 296 11.59 -15.00 -7.48
N LYS B 297 12.11 -15.86 -6.61
CA LYS B 297 12.85 -17.04 -7.02
C LYS B 297 11.93 -18.06 -7.71
N VAL B 298 10.85 -18.45 -7.02
CA VAL B 298 9.99 -19.53 -7.50
C VAL B 298 8.53 -19.08 -7.42
N LYS B 299 7.83 -19.19 -8.54
CA LYS B 299 6.47 -18.67 -8.57
C LYS B 299 5.53 -19.77 -9.09
N THR B 300 5.38 -20.80 -8.26
CA THR B 300 4.61 -21.99 -8.57
C THR B 300 3.27 -21.89 -7.87
N MET B 301 2.22 -21.93 -8.71
CA MET B 301 0.91 -21.49 -8.34
C MET B 301 -0.01 -22.66 -8.19
N ASP B 302 -0.96 -22.50 -7.28
CA ASP B 302 -2.06 -23.43 -7.17
C ASP B 302 -3.24 -22.81 -7.92
N PHE B 303 -3.76 -23.52 -8.94
CA PHE B 303 -4.96 -23.06 -9.69
C PHE B 303 -6.23 -23.85 -9.39
N SER B 304 -6.20 -24.65 -8.33
CA SER B 304 -7.35 -25.49 -7.98
C SER B 304 -8.65 -24.69 -7.76
N LYS B 305 -8.56 -23.51 -7.13
CA LYS B 305 -9.72 -22.65 -6.96
C LYS B 305 -10.35 -22.17 -8.30
N ALA B 306 -9.53 -21.68 -9.24
CA ALA B 306 -10.06 -21.31 -10.57
C ALA B 306 -10.59 -22.53 -11.31
N ILE B 307 -9.93 -23.67 -11.13
CA ILE B 307 -10.41 -24.93 -11.73
C ILE B 307 -11.82 -25.25 -11.21
N ARG B 308 -12.01 -25.10 -9.89
CA ARG B 308 -13.27 -25.37 -9.19
C ARG B 308 -14.43 -24.46 -9.61
N ASP B 309 -14.20 -23.14 -9.66
CA ASP B 309 -15.26 -22.15 -9.81
C ASP B 309 -15.36 -21.55 -11.20
N LEU B 310 -14.25 -21.55 -11.93
CA LEU B 310 -14.16 -20.74 -13.13
C LEU B 310 -13.93 -21.56 -14.36
N LYS B 311 -14.11 -22.88 -14.23
CA LYS B 311 -13.87 -23.86 -15.31
C LYS B 311 -12.50 -23.64 -15.95
N HIS B 312 -11.52 -23.24 -15.13
CA HIS B 312 -10.18 -22.95 -15.64
C HIS B 312 -9.62 -24.22 -16.30
N ASP B 313 -9.30 -24.13 -17.59
CA ASP B 313 -8.86 -25.28 -18.35
C ASP B 313 -7.94 -24.85 -19.50
N PRO B 314 -6.74 -24.35 -19.17
CA PRO B 314 -5.85 -23.82 -20.21
C PRO B 314 -5.40 -24.89 -21.20
N GLN B 315 -5.43 -24.55 -22.48
CA GLN B 315 -5.13 -25.49 -23.56
C GLN B 315 -3.74 -25.29 -24.16
N VAL B 316 -3.09 -24.18 -23.85
CA VAL B 316 -1.85 -23.84 -24.57
C VAL B 316 -0.67 -23.85 -23.61
N PRO B 317 0.15 -24.93 -23.61
CA PRO B 317 1.32 -25.00 -22.74
C PRO B 317 2.44 -24.11 -23.30
N PRO B 318 3.52 -23.89 -22.51
CA PRO B 318 4.51 -22.88 -22.89
C PRO B 318 5.16 -23.06 -24.25
N GLU B 319 5.55 -24.30 -24.59
CA GLU B 319 6.21 -24.56 -25.86
C GLU B 319 5.35 -24.09 -27.04
N GLU B 320 4.08 -24.51 -27.05
CA GLU B 320 3.10 -24.13 -28.06
C GLU B 320 2.81 -22.61 -28.03
N GLY B 321 2.55 -22.09 -26.84
CA GLY B 321 2.29 -20.64 -26.67
C GLY B 321 3.42 -19.75 -27.17
N ILE B 322 4.65 -20.15 -26.87
CA ILE B 322 5.83 -19.35 -27.28
C ILE B 322 5.92 -19.34 -28.80
N ARG B 323 5.68 -20.50 -29.41
CA ARG B 323 5.71 -20.64 -30.87
C ARG B 323 4.73 -19.64 -31.49
N ARG B 324 3.50 -19.62 -30.97
CA ARG B 324 2.46 -18.75 -31.50
C ARG B 324 2.85 -17.29 -31.33
N THR B 325 3.48 -16.99 -30.20
CA THR B 325 3.89 -15.63 -29.89
C THR B 325 5.06 -15.18 -30.76
N VAL B 326 6.06 -16.06 -30.96
CA VAL B 326 7.16 -15.80 -31.89
C VAL B 326 6.59 -15.49 -33.28
N GLU B 327 5.66 -16.35 -33.72
CA GLU B 327 5.01 -16.21 -35.03
C GLU B 327 4.30 -14.88 -35.11
N TRP B 328 3.52 -14.53 -34.09
CA TRP B 328 2.84 -13.23 -34.10
C TRP B 328 3.83 -12.05 -34.15
N MET B 329 4.86 -12.07 -33.29
CA MET B 329 5.85 -10.97 -33.29
C MET B 329 6.61 -10.81 -34.61
N LYS B 330 6.98 -11.94 -35.21
CA LYS B 330 7.70 -11.99 -36.50
C LYS B 330 6.86 -11.31 -37.57
N TRP B 331 5.57 -11.63 -37.58
CA TRP B 331 4.62 -11.07 -38.53
C TRP B 331 4.34 -9.59 -38.20
N TYR B 332 4.02 -9.30 -36.94
CA TYR B 332 3.62 -7.94 -36.54
C TYR B 332 4.72 -6.87 -36.64
N TYR B 333 5.96 -7.22 -36.33
CA TYR B 333 7.06 -6.28 -36.47
C TYR B 333 7.84 -6.49 -37.78
N ARG B 334 7.40 -7.47 -38.58
CA ARG B 334 7.94 -7.78 -39.91
C ARG B 334 9.44 -8.09 -39.94
N ILE B 335 9.81 -9.21 -39.31
CA ILE B 335 11.20 -9.67 -39.28
C ILE B 335 11.50 -10.61 -40.46
N1 UDP C . -13.62 7.17 19.77
C2 UDP C . -14.74 7.53 20.47
N3 UDP C . -15.30 8.72 20.10
C4 UDP C . -14.84 9.58 19.13
C5 UDP C . -13.67 9.13 18.43
C6 UDP C . -13.12 7.97 18.76
O2 UDP C . -15.22 6.84 21.36
O4 UDP C . -15.45 10.63 18.92
C1' UDP C . -12.98 5.89 20.11
C2' UDP C . -12.85 4.97 18.90
O2' UDP C . -14.04 4.23 18.79
C3' UDP C . -11.63 4.12 19.29
C4' UDP C . -10.78 5.06 20.17
O4' UDP C . -11.67 6.14 20.56
O3' UDP C . -11.99 2.96 20.01
C5' UDP C . -9.56 5.63 19.51
O5' UDP C . -9.90 6.05 18.18
PA UDP C . -8.89 6.96 17.35
O1A UDP C . -8.55 8.16 18.15
O2A UDP C . -9.44 7.14 15.98
O3A UDP C . -7.59 6.03 17.29
PB UDP C . -7.26 4.52 16.88
O1B UDP C . -6.61 3.92 18.08
O2B UDP C . -8.55 3.86 16.50
O3B UDP C . -6.31 4.62 15.77
PA NAD D . -0.09 15.92 12.23
O1A NAD D . -1.12 15.94 11.15
O2A NAD D . -0.19 16.93 13.32
O5B NAD D . 1.37 15.97 11.60
C5B NAD D . 1.55 15.63 10.23
C4B NAD D . 2.13 16.82 9.51
O4B NAD D . 2.42 16.48 8.15
C3B NAD D . 1.21 18.07 9.46
O3B NAD D . 1.83 19.21 10.03
C2B NAD D . 0.96 18.25 7.96
O2B NAD D . 0.83 19.59 7.54
C1B NAD D . 2.20 17.63 7.37
N9A NAD D . 2.06 17.27 5.96
C8A NAD D . 0.97 16.68 5.39
N7A NAD D . 1.09 16.52 4.09
C5A NAD D . 2.32 17.07 3.80
C6A NAD D . 3.04 17.20 2.60
N6A NAD D . 2.57 16.79 1.42
N1A NAD D . 4.25 17.79 2.66
C2A NAD D . 4.71 18.20 3.84
N3A NAD D . 4.13 18.13 5.04
C4A NAD D . 2.93 17.54 4.94
O3 NAD D . -0.05 14.46 12.89
PN NAD D . 0.73 13.96 14.18
O1N NAD D . -0.28 13.58 15.21
O2N NAD D . 1.77 14.96 14.54
O5D NAD D . 1.42 12.64 13.62
C5D NAD D . 2.81 12.65 13.25
C4D NAD D . 3.12 11.43 12.42
O4D NAD D . 2.92 10.23 13.20
C3D NAD D . 2.27 11.24 11.16
O3D NAD D . 3.08 10.65 10.15
C2D NAD D . 1.15 10.31 11.64
O2D NAD D . 0.56 9.57 10.59
C1D NAD D . 1.94 9.40 12.59
N1N NAD D . 1.14 8.81 13.68
C2N NAD D . 0.64 9.60 14.69
C3N NAD D . -0.10 9.03 15.71
C7N NAD D . -0.66 9.87 16.82
O7N NAD D . -0.59 11.11 16.74
N7N NAD D . -1.25 9.25 17.82
C4N NAD D . -0.34 7.66 15.72
C5N NAD D . 0.16 6.88 14.69
C6N NAD D . 0.90 7.46 13.69
C1 EDO E . -6.28 7.87 14.12
O1 EDO E . -6.54 7.26 12.84
C2 EDO E . -7.17 9.08 14.35
O2 EDO E . -8.53 8.70 14.24
C1 EDO F . -8.22 -8.73 11.58
O1 EDO F . -7.55 -8.50 12.84
C2 EDO F . -7.52 -7.92 10.50
O2 EDO F . -7.60 -6.50 10.78
C1 EDO G . -13.65 4.45 8.71
O1 EDO G . -12.74 4.04 7.69
C2 EDO G . -12.79 5.00 9.83
O2 EDO G . -11.83 4.02 10.24
C1 EDO H . 4.66 -13.11 17.86
O1 EDO H . 4.83 -12.38 19.09
C2 EDO H . 3.51 -14.04 18.12
O2 EDO H . 2.33 -13.24 18.25
C1 EDO I . 14.06 -6.09 12.76
O1 EDO I . 14.57 -7.39 13.06
C2 EDO I . 12.69 -5.94 13.41
O2 EDO I . 11.77 -6.85 12.77
MG MG J . 7.95 29.64 4.79
MG MG K . -1.28 16.02 -7.75
CL CL L . -2.25 6.37 13.87
N1 UDP M . 14.10 -12.35 -16.65
C2 UDP M . 15.25 -12.65 -17.35
N3 UDP M . 15.63 -11.71 -18.26
C4 UDP M . 14.99 -10.52 -18.56
C5 UDP M . 13.80 -10.28 -17.80
C6 UDP M . 13.42 -11.17 -16.88
O2 UDP M . 15.88 -13.68 -17.17
O4 UDP M . 15.46 -9.78 -19.41
C1' UDP M . 13.64 -13.30 -15.64
C2' UDP M . 13.50 -12.63 -14.28
O2' UDP M . 14.75 -12.65 -13.65
C3' UDP M . 12.45 -13.52 -13.62
C4' UDP M . 11.58 -13.99 -14.79
O4' UDP M . 12.36 -13.76 -15.98
O3' UDP M . 13.06 -14.62 -12.97
C5' UDP M . 10.23 -13.31 -14.92
O5' UDP M . 10.41 -11.88 -14.79
PA UDP M . 9.18 -10.90 -15.08
O1A UDP M . 8.75 -11.08 -16.48
O2A UDP M . 9.54 -9.54 -14.61
O3A UDP M . 8.06 -11.51 -14.13
PB UDP M . 7.93 -11.79 -12.56
O1B UDP M . 7.33 -13.15 -12.48
O2B UDP M . 7.00 -10.75 -12.04
O3B UDP M . 9.29 -11.70 -11.97
PA NAD N . -1.03 -3.43 -19.76
O1A NAD N . -0.11 -2.36 -19.33
O2A NAD N . -0.93 -3.93 -21.15
O5B NAD N . -2.53 -3.00 -19.46
C5B NAD N . -2.80 -1.97 -18.50
C4B NAD N . -3.55 -0.87 -19.19
O4B NAD N . -3.92 0.15 -18.23
C3B NAD N . -2.78 -0.14 -20.31
O3B NAD N . -3.49 -0.12 -21.53
C2B NAD N . -2.59 1.27 -19.75
O2B NAD N . -2.56 2.27 -20.74
C1B NAD N . -3.82 1.40 -18.87
N9A NAD N . -3.74 2.47 -17.89
C8A NAD N . -2.64 2.83 -17.15
N7A NAD N . -2.85 3.87 -16.38
C5A NAD N . -4.16 4.23 -16.64
C6A NAD N . -4.97 5.26 -16.14
N6A NAD N . -4.57 6.14 -15.22
N1A NAD N . -6.24 5.34 -16.60
C2A NAD N . -6.64 4.44 -17.52
N3A NAD N . -5.96 3.44 -18.06
C4A NAD N . -4.71 3.38 -17.58
O3 NAD N . -0.91 -4.69 -18.77
PN NAD N . -1.50 -6.16 -18.93
O1N NAD N . -2.62 -6.14 -19.90
O2N NAD N . -0.39 -7.11 -19.15
O5D NAD N . -2.09 -6.40 -17.47
C5D NAD N . -3.45 -6.08 -17.17
C4D NAD N . -3.66 -6.02 -15.68
O4D NAD N . -3.23 -7.24 -15.06
C3D NAD N . -2.91 -4.90 -14.94
O3D NAD N . -3.71 -4.44 -13.86
C2D NAD N . -1.63 -5.61 -14.48
O2D NAD N . -1.01 -4.95 -13.39
C1D NAD N . -2.22 -6.98 -14.09
N1N NAD N . -1.24 -8.08 -14.13
C2N NAD N . -0.79 -8.57 -15.33
C3N NAD N . 0.13 -9.62 -15.35
C7N NAD N . 0.65 -10.15 -16.64
O7N NAD N . 1.28 -11.21 -16.66
N7N NAD N . 0.44 -9.43 -17.74
C4N NAD N . 0.59 -10.16 -14.15
C5N NAD N . 0.12 -9.66 -12.95
C6N NAD N . -0.79 -8.62 -12.95
C1 EDO O . 9.93 -13.07 1.45
O1 EDO O . 9.19 -14.21 0.94
C2 EDO O . 9.08 -11.80 1.36
O2 EDO O . 8.93 -11.42 0.00
C1 EDO P . 6.33 -24.17 -4.73
O1 EDO P . 6.04 -25.11 -3.72
C2 EDO P . 7.53 -24.69 -5.49
O2 EDO P . 7.09 -25.90 -6.10
C1 EDO Q . -9.05 -18.97 -0.10
O1 EDO Q . -8.47 -20.19 -0.57
C2 EDO Q . -7.94 -18.02 0.21
O2 EDO Q . -8.19 -16.75 -0.35
C1 EDO R . -12.74 -15.75 0.19
O1 EDO R . -12.79 -16.14 1.57
C2 EDO R . -11.31 -15.83 -0.37
O2 EDO R . -10.31 -15.55 0.63
C1 EDO S . 9.78 -18.54 4.03
O1 EDO S . 10.60 -19.73 3.91
C2 EDO S . 8.70 -18.39 2.95
O2 EDO S . 9.20 -18.87 1.67
C1 EDO T . 14.87 -1.86 -18.51
O1 EDO T . 15.71 -0.71 -18.33
C2 EDO T . 13.78 -1.84 -17.47
O2 EDO T . 13.96 -2.95 -16.61
MG MG U . -11.00 8.46 -27.69
CL CL V . 2.43 -8.82 -12.46
#